data_5ITW
#
_entry.id   5ITW
#
_cell.length_a   72.520
_cell.length_b   87.200
_cell.length_c   78.290
_cell.angle_alpha   90.00
_cell.angle_beta   101.08
_cell.angle_gamma   90.00
#
_symmetry.space_group_name_H-M   'P 1 21 1'
#
loop_
_entity.id
_entity.type
_entity.pdbx_description
1 polymer 'Dihydroanticapsin 7-dehydrogenase'
2 non-polymer 'SULFATE ION'
3 water water
#
_entity_poly.entity_id   1
_entity_poly.type   'polypeptide(L)'
_entity_poly.pdbx_seq_one_letter_code
;MIMNLTDKTVLITGGASGIGYAAVQAFLGQQANVVVADIDEAQGEAMVRKENNDRLHFVQTDITDEAACQHAVESAVHTF
GGLDVLINNAGIEIVAPIHEMELSDWNKVLQVNLTGMFLMSKHALKHMLAAGKGNIINTCSVGGLVAWPDIPAYNASKGG
VLQLTKSMAVDYAKHQIRVNCVCPGIIDTPLNEKSFLENNEGTLEEIKKEKAKVNPLLRLGKPEEIANVMLFLASDLSSY
MTGSAITADGGYTAQ
;
_entity_poly.pdbx_strand_id   A,B,C,D
#
# COMPACT_ATOMS: atom_id res chain seq x y z
N MET A 1 -29.72 -10.73 -14.58
CA MET A 1 -28.42 -10.52 -15.27
C MET A 1 -27.21 -10.80 -14.42
N ILE A 2 -26.02 -10.76 -15.00
CA ILE A 2 -24.81 -11.11 -14.23
C ILE A 2 -24.61 -10.14 -13.07
N MET A 3 -24.99 -8.87 -13.21
N MET A 3 -24.99 -8.87 -13.21
CA MET A 3 -24.86 -7.94 -12.09
CA MET A 3 -24.87 -7.92 -12.11
C MET A 3 -25.88 -8.19 -10.99
C MET A 3 -25.88 -8.18 -10.99
N ASN A 4 -27.09 -8.55 -11.39
CA ASN A 4 -28.10 -9.00 -10.43
C ASN A 4 -28.50 -7.93 -9.42
N LEU A 5 -28.70 -6.72 -9.92
CA LEU A 5 -29.10 -5.61 -9.03
C LEU A 5 -30.61 -5.31 -9.09
N THR A 6 -31.34 -5.96 -10.01
CA THR A 6 -32.75 -5.72 -10.09
C THR A 6 -33.41 -6.03 -8.73
N ASP A 7 -34.25 -5.10 -8.27
CA ASP A 7 -35.00 -5.24 -7.03
C ASP A 7 -34.19 -5.25 -5.75
N LYS A 8 -32.90 -5.00 -5.84
CA LYS A 8 -32.08 -4.78 -4.66
C LYS A 8 -32.36 -3.36 -4.19
N THR A 9 -32.30 -3.14 -2.87
CA THR A 9 -32.55 -1.83 -2.30
C THR A 9 -31.22 -1.22 -1.87
N VAL A 10 -30.93 -0.04 -2.43
CA VAL A 10 -29.67 0.61 -2.30
C VAL A 10 -29.91 1.98 -1.68
N LEU A 11 -29.27 2.23 -0.54
N LEU A 11 -29.27 2.23 -0.54
CA LEU A 11 -29.37 3.50 0.20
CA LEU A 11 -29.38 3.49 0.20
C LEU A 11 -28.09 4.26 -0.05
C LEU A 11 -28.09 4.26 -0.05
N ILE A 12 -28.23 5.45 -0.63
CA ILE A 12 -27.08 6.27 -1.05
C ILE A 12 -27.09 7.58 -0.28
N THR A 13 -26.07 7.76 0.56
CA THR A 13 -25.92 9.06 1.25
C THR A 13 -25.26 10.03 0.30
N GLY A 14 -25.61 11.31 0.40
CA GLY A 14 -25.11 12.32 -0.54
C GLY A 14 -25.57 11.99 -1.98
N GLY A 15 -26.72 11.36 -2.14
CA GLY A 15 -27.20 10.95 -3.44
C GLY A 15 -27.87 11.96 -4.33
N ALA A 16 -28.08 13.17 -3.82
CA ALA A 16 -28.91 14.12 -4.57
C ALA A 16 -28.11 15.01 -5.53
N SER A 17 -26.80 14.84 -5.62
CA SER A 17 -25.99 15.60 -6.54
C SER A 17 -24.69 14.87 -6.83
N GLY A 18 -23.98 15.34 -7.84
CA GLY A 18 -22.62 14.88 -8.08
C GLY A 18 -22.49 13.39 -8.32
N ILE A 19 -21.43 12.81 -7.78
CA ILE A 19 -21.21 11.37 -7.88
C ILE A 19 -22.39 10.58 -7.32
N GLY A 20 -22.95 11.08 -6.24
CA GLY A 20 -24.09 10.43 -5.63
C GLY A 20 -25.27 10.31 -6.59
N TYR A 21 -25.59 11.40 -7.29
CA TYR A 21 -26.69 11.34 -8.22
C TYR A 21 -26.34 10.47 -9.43
N ALA A 22 -25.10 10.55 -9.91
CA ALA A 22 -24.70 9.61 -10.99
C ALA A 22 -24.93 8.16 -10.54
N ALA A 23 -24.67 7.86 -9.27
CA ALA A 23 -24.94 6.54 -8.73
C ALA A 23 -26.41 6.21 -8.70
N VAL A 24 -27.22 7.18 -8.32
CA VAL A 24 -28.67 7.01 -8.40
C VAL A 24 -29.06 6.57 -9.81
N GLN A 25 -28.58 7.33 -10.81
CA GLN A 25 -28.96 7.00 -12.20
C GLN A 25 -28.50 5.60 -12.60
N ALA A 26 -27.27 5.26 -12.24
CA ALA A 26 -26.73 3.95 -12.61
C ALA A 26 -27.55 2.83 -11.97
N PHE A 27 -27.84 2.94 -10.67
CA PHE A 27 -28.63 1.91 -9.99
C PHE A 27 -30.06 1.84 -10.49
N LEU A 28 -30.69 2.98 -10.74
CA LEU A 28 -32.06 2.95 -11.30
C LEU A 28 -32.03 2.26 -12.69
N GLY A 29 -30.96 2.47 -13.45
CA GLY A 29 -30.80 1.83 -14.75
C GLY A 29 -30.70 0.32 -14.69
N GLN A 30 -30.26 -0.20 -13.55
CA GLN A 30 -30.23 -1.63 -13.27
C GLN A 30 -31.48 -2.13 -12.58
N GLN A 31 -32.47 -1.29 -12.46
CA GLN A 31 -33.76 -1.60 -11.83
C GLN A 31 -33.62 -1.93 -10.33
N ALA A 32 -32.62 -1.34 -9.69
CA ALA A 32 -32.55 -1.35 -8.25
C ALA A 32 -33.49 -0.28 -7.72
N ASN A 33 -33.98 -0.51 -6.49
CA ASN A 33 -34.68 0.52 -5.74
C ASN A 33 -33.65 1.34 -5.01
N VAL A 34 -33.82 2.64 -5.08
CA VAL A 34 -32.82 3.57 -4.55
C VAL A 34 -33.47 4.47 -3.52
N VAL A 35 -32.86 4.54 -2.32
CA VAL A 35 -33.21 5.53 -1.33
C VAL A 35 -32.05 6.51 -1.21
N VAL A 36 -32.34 7.79 -1.44
CA VAL A 36 -31.34 8.83 -1.29
C VAL A 36 -31.51 9.46 0.07
N ALA A 37 -30.40 9.50 0.83
CA ALA A 37 -30.35 10.17 2.13
C ALA A 37 -29.42 11.37 1.95
N ASP A 38 -29.98 12.57 2.00
CA ASP A 38 -29.15 13.75 1.77
C ASP A 38 -29.74 14.92 2.54
N ILE A 39 -28.92 15.95 2.71
CA ILE A 39 -29.24 16.96 3.68
C ILE A 39 -30.13 18.09 3.17
N ASP A 40 -30.15 18.33 1.86
CA ASP A 40 -30.94 19.48 1.30
C ASP A 40 -32.27 18.93 0.77
N GLU A 41 -33.34 19.25 1.48
CA GLU A 41 -34.65 18.71 1.18
C GLU A 41 -35.18 19.17 -0.19
N ALA A 42 -35.08 20.47 -0.49
CA ALA A 42 -35.54 20.95 -1.78
C ALA A 42 -34.80 20.27 -2.92
N GLN A 43 -33.50 20.12 -2.78
CA GLN A 43 -32.69 19.48 -3.80
C GLN A 43 -33.10 18.00 -4.01
N GLY A 44 -33.28 17.28 -2.92
CA GLY A 44 -33.76 15.90 -3.01
C GLY A 44 -35.10 15.77 -3.67
N GLU A 45 -36.01 16.64 -3.28
CA GLU A 45 -37.37 16.58 -3.78
C GLU A 45 -37.39 16.93 -5.26
N ALA A 46 -36.56 17.89 -5.67
CA ALA A 46 -36.46 18.25 -7.09
C ALA A 46 -35.91 17.10 -7.91
N MET A 47 -34.94 16.36 -7.34
CA MET A 47 -34.39 15.16 -8.01
C MET A 47 -35.50 14.12 -8.22
N VAL A 48 -36.29 13.88 -7.18
CA VAL A 48 -37.38 12.93 -7.29
C VAL A 48 -38.38 13.35 -8.35
N ARG A 49 -38.76 14.61 -8.34
CA ARG A 49 -39.78 15.05 -9.29
C ARG A 49 -39.29 14.90 -10.72
N LYS A 50 -38.03 15.28 -10.95
CA LYS A 50 -37.44 15.21 -12.28
C LYS A 50 -37.33 13.77 -12.77
N GLU A 51 -36.91 12.86 -11.88
CA GLU A 51 -36.63 11.50 -12.28
C GLU A 51 -37.91 10.77 -12.61
N ASN A 52 -38.96 11.07 -11.83
CA ASN A 52 -40.27 10.43 -11.98
C ASN A 52 -40.16 8.93 -12.13
N ASN A 53 -39.56 8.31 -11.11
CA ASN A 53 -39.29 6.89 -11.10
C ASN A 53 -39.76 6.33 -9.78
N ASP A 54 -40.70 5.38 -9.82
CA ASP A 54 -41.27 4.81 -8.60
C ASP A 54 -40.28 3.93 -7.84
N ARG A 55 -39.12 3.65 -8.42
CA ARG A 55 -38.04 2.94 -7.69
C ARG A 55 -37.13 3.90 -6.90
N LEU A 56 -37.43 5.20 -6.92
CA LEU A 56 -36.63 6.19 -6.21
C LEU A 56 -37.40 6.77 -5.04
N HIS A 57 -36.72 6.92 -3.91
CA HIS A 57 -37.28 7.57 -2.71
C HIS A 57 -36.22 8.49 -2.12
N PHE A 58 -36.65 9.65 -1.64
CA PHE A 58 -35.77 10.58 -0.95
C PHE A 58 -36.16 10.72 0.51
N VAL A 59 -35.16 10.69 1.40
CA VAL A 59 -35.36 10.94 2.83
C VAL A 59 -34.31 11.94 3.32
N GLN A 60 -34.78 13.11 3.71
CA GLN A 60 -33.86 14.12 4.20
C GLN A 60 -33.14 13.56 5.42
N THR A 61 -31.82 13.70 5.41
CA THR A 61 -30.97 13.08 6.43
C THR A 61 -29.74 13.92 6.67
N ASP A 62 -29.51 14.27 7.93
CA ASP A 62 -28.21 14.76 8.40
C ASP A 62 -27.46 13.61 9.02
N ILE A 63 -26.47 13.08 8.30
CA ILE A 63 -25.80 11.84 8.74
C ILE A 63 -24.97 12.02 9.99
N THR A 64 -24.77 13.27 10.45
CA THR A 64 -24.05 13.47 11.69
C THR A 64 -24.95 13.23 12.91
N ASP A 65 -26.25 13.06 12.67
CA ASP A 65 -27.24 12.83 13.71
C ASP A 65 -27.63 11.35 13.71
N GLU A 66 -27.38 10.64 14.81
CA GLU A 66 -27.63 9.22 14.84
C GLU A 66 -29.11 8.84 14.58
N ALA A 67 -30.03 9.59 15.20
CA ALA A 67 -31.44 9.33 14.97
C ALA A 67 -31.79 9.45 13.49
N ALA A 68 -31.21 10.43 12.81
CA ALA A 68 -31.47 10.60 11.35
C ALA A 68 -30.92 9.45 10.56
N CYS A 69 -29.77 8.93 10.95
CA CYS A 69 -29.19 7.75 10.28
C CYS A 69 -30.09 6.54 10.45
N GLN A 70 -30.55 6.32 11.68
CA GLN A 70 -31.47 5.22 11.95
C GLN A 70 -32.75 5.37 11.10
N HIS A 71 -33.26 6.60 11.03
CA HIS A 71 -34.48 6.88 10.26
C HIS A 71 -34.28 6.61 8.75
N ALA A 72 -33.10 6.91 8.22
CA ALA A 72 -32.83 6.65 6.82
C ALA A 72 -32.82 5.15 6.51
N VAL A 73 -32.19 4.37 7.39
CA VAL A 73 -32.21 2.91 7.23
C VAL A 73 -33.64 2.38 7.32
N GLU A 74 -34.39 2.85 8.30
CA GLU A 74 -35.79 2.44 8.45
C GLU A 74 -36.63 2.79 7.24
N SER A 75 -36.35 3.96 6.67
N SER A 75 -36.36 3.96 6.67
CA SER A 75 -37.08 4.37 5.47
CA SER A 75 -37.04 4.42 5.47
C SER A 75 -36.87 3.40 4.33
C SER A 75 -36.86 3.43 4.32
N ALA A 76 -35.64 2.91 4.16
CA ALA A 76 -35.41 1.94 3.12
C ALA A 76 -36.21 0.65 3.39
N VAL A 77 -36.18 0.16 4.64
CA VAL A 77 -36.86 -1.07 4.98
C VAL A 77 -38.38 -0.89 4.81
N HIS A 78 -38.92 0.24 5.24
CA HIS A 78 -40.35 0.49 5.10
C HIS A 78 -40.82 0.72 3.69
N THR A 79 -40.01 1.44 2.90
CA THR A 79 -40.41 1.81 1.55
C THR A 79 -40.31 0.65 0.56
N PHE A 80 -39.19 -0.08 0.62
CA PHE A 80 -38.91 -1.08 -0.37
C PHE A 80 -38.81 -2.50 0.20
N GLY A 81 -38.87 -2.66 1.52
CA GLY A 81 -38.95 -3.98 2.14
C GLY A 81 -37.68 -4.50 2.78
N GLY A 82 -36.56 -3.82 2.55
CA GLY A 82 -35.28 -4.30 3.04
C GLY A 82 -34.20 -3.33 2.67
N LEU A 83 -32.95 -3.75 2.88
CA LEU A 83 -31.78 -2.95 2.58
C LEU A 83 -30.65 -3.89 2.22
N ASP A 84 -30.26 -3.85 0.96
CA ASP A 84 -29.21 -4.72 0.44
C ASP A 84 -27.84 -4.06 0.40
N VAL A 85 -27.81 -2.77 0.05
CA VAL A 85 -26.56 -2.08 -0.16
C VAL A 85 -26.65 -0.70 0.48
N LEU A 86 -25.62 -0.33 1.25
CA LEU A 86 -25.43 1.07 1.72
C LEU A 86 -24.24 1.64 1.01
N ILE A 87 -24.43 2.81 0.40
CA ILE A 87 -23.33 3.56 -0.20
C ILE A 87 -23.15 4.82 0.63
N ASN A 88 -22.06 4.85 1.38
CA ASN A 88 -21.67 6.02 2.21
C ASN A 88 -20.86 6.98 1.33
N ASN A 89 -21.58 7.83 0.59
CA ASN A 89 -20.96 8.76 -0.36
C ASN A 89 -20.89 10.18 0.16
N ALA A 90 -21.65 10.57 1.18
CA ALA A 90 -21.59 11.94 1.67
C ALA A 90 -20.21 12.30 2.12
N GLY A 91 -19.84 13.54 1.84
CA GLY A 91 -18.54 14.05 2.24
C GLY A 91 -18.43 15.53 2.00
N ILE A 92 -17.50 16.15 2.70
CA ILE A 92 -17.17 17.54 2.51
C ILE A 92 -15.67 17.74 2.47
N GLU A 93 -15.30 18.86 1.86
CA GLU A 93 -13.92 19.31 1.79
C GLU A 93 -13.84 20.72 2.37
N ILE A 94 -12.98 20.92 3.36
CA ILE A 94 -12.59 22.27 3.82
C ILE A 94 -11.09 22.40 3.63
N VAL A 95 -10.67 23.53 3.04
CA VAL A 95 -9.29 23.75 2.72
C VAL A 95 -8.65 24.62 3.80
N ALA A 96 -7.64 24.10 4.48
CA ALA A 96 -6.89 24.85 5.48
C ALA A 96 -5.61 24.10 5.81
N PRO A 97 -4.53 24.83 6.10
CA PRO A 97 -3.33 24.15 6.61
C PRO A 97 -3.51 23.76 8.06
N ILE A 98 -2.85 22.68 8.48
CA ILE A 98 -2.93 22.28 9.86
C ILE A 98 -2.62 23.39 10.87
N HIS A 99 -1.57 24.18 10.59
CA HIS A 99 -1.16 25.15 11.57
C HIS A 99 -2.14 26.29 11.76
N GLU A 100 -3.09 26.45 10.83
CA GLU A 100 -4.12 27.47 10.91
C GLU A 100 -5.52 26.99 11.10
N MET A 101 -5.75 25.69 11.00
CA MET A 101 -7.09 25.19 10.94
C MET A 101 -7.82 25.35 12.26
N GLU A 102 -9.03 25.84 12.18
CA GLU A 102 -9.92 25.89 13.33
C GLU A 102 -10.35 24.49 13.74
N LEU A 103 -10.37 24.24 15.05
CA LEU A 103 -10.87 22.97 15.55
C LEU A 103 -12.31 22.71 15.07
N SER A 104 -13.14 23.74 15.04
CA SER A 104 -14.51 23.56 14.57
C SER A 104 -14.57 23.05 13.13
N ASP A 105 -13.65 23.51 12.28
CA ASP A 105 -13.59 23.07 10.88
C ASP A 105 -13.05 21.65 10.79
N TRP A 106 -11.99 21.36 11.53
CA TRP A 106 -11.47 19.99 11.62
C TRP A 106 -12.64 19.04 11.98
N ASN A 107 -13.40 19.41 13.02
CA ASN A 107 -14.47 18.56 13.50
C ASN A 107 -15.54 18.36 12.48
N LYS A 108 -15.89 19.41 11.75
CA LYS A 108 -16.92 19.30 10.68
C LYS A 108 -16.50 18.26 9.64
N VAL A 109 -15.24 18.35 9.20
CA VAL A 109 -14.77 17.40 8.18
C VAL A 109 -14.86 15.97 8.72
N LEU A 110 -14.35 15.75 9.92
CA LEU A 110 -14.37 14.39 10.46
C LEU A 110 -15.82 13.92 10.71
N GLN A 111 -16.68 14.83 11.17
N GLN A 111 -16.69 14.82 11.17
CA GLN A 111 -18.05 14.44 11.49
CA GLN A 111 -18.07 14.43 11.47
C GLN A 111 -18.84 13.97 10.27
C GLN A 111 -18.84 13.97 10.26
N VAL A 112 -18.72 14.70 9.16
CA VAL A 112 -19.45 14.31 7.96
C VAL A 112 -18.78 13.09 7.31
N ASN A 113 -17.47 13.16 7.16
CA ASN A 113 -16.78 12.21 6.30
C ASN A 113 -16.55 10.85 6.98
N LEU A 114 -16.44 10.87 8.30
CA LEU A 114 -16.06 9.68 9.01
C LEU A 114 -17.11 9.30 10.03
N THR A 115 -17.46 10.19 10.95
CA THR A 115 -18.49 9.82 11.95
C THR A 115 -19.82 9.48 11.31
N GLY A 116 -20.22 10.23 10.31
CA GLY A 116 -21.48 9.94 9.66
C GLY A 116 -21.49 8.59 8.95
N MET A 117 -20.35 8.22 8.40
CA MET A 117 -20.15 6.92 7.81
C MET A 117 -20.29 5.82 8.87
N PHE A 118 -19.69 6.06 10.03
CA PHE A 118 -19.85 5.13 11.15
C PHE A 118 -21.32 4.96 11.52
N LEU A 119 -22.03 6.08 11.72
CA LEU A 119 -23.40 6.03 12.22
C LEU A 119 -24.35 5.38 11.21
N MET A 120 -24.19 5.68 9.93
CA MET A 120 -24.99 5.03 8.89
C MET A 120 -24.68 3.56 8.87
N SER A 121 -23.40 3.22 8.91
CA SER A 121 -23.00 1.81 8.86
C SER A 121 -23.51 1.04 10.06
N LYS A 122 -23.45 1.65 11.24
CA LYS A 122 -23.94 1.01 12.46
C LYS A 122 -25.37 0.52 12.29
N HIS A 123 -26.24 1.42 11.82
CA HIS A 123 -27.63 1.05 11.68
C HIS A 123 -27.94 0.16 10.48
N ALA A 124 -27.19 0.35 9.40
CA ALA A 124 -27.32 -0.60 8.28
C ALA A 124 -26.89 -1.99 8.72
N LEU A 125 -25.79 -2.08 9.46
CA LEU A 125 -25.28 -3.38 9.90
C LEU A 125 -26.25 -4.11 10.82
N LYS A 126 -26.92 -3.40 11.73
CA LYS A 126 -27.93 -4.07 12.55
C LYS A 126 -28.93 -4.81 11.66
N HIS A 127 -29.41 -4.16 10.61
CA HIS A 127 -30.31 -4.77 9.69
C HIS A 127 -29.66 -5.93 8.90
N MET A 128 -28.48 -5.66 8.36
CA MET A 128 -27.81 -6.63 7.49
C MET A 128 -27.40 -7.92 8.24
N LEU A 129 -27.06 -7.76 9.51
CA LEU A 129 -26.85 -8.94 10.36
C LEU A 129 -28.09 -9.83 10.38
N ALA A 130 -29.23 -9.21 10.62
CA ALA A 130 -30.47 -9.93 10.65
C ALA A 130 -30.88 -10.47 9.27
N ALA A 131 -30.55 -9.76 8.21
CA ALA A 131 -30.86 -10.21 6.85
C ALA A 131 -30.00 -11.37 6.38
N GLY A 132 -28.86 -11.57 7.05
CA GLY A 132 -27.95 -12.63 6.69
C GLY A 132 -26.98 -12.31 5.56
N LYS A 133 -26.98 -11.07 5.09
CA LYS A 133 -26.12 -10.63 4.01
C LYS A 133 -26.24 -9.12 3.88
N GLY A 134 -25.28 -8.54 3.18
CA GLY A 134 -25.32 -7.12 2.90
C GLY A 134 -24.09 -6.68 2.16
N ASN A 135 -24.04 -5.39 1.88
CA ASN A 135 -22.96 -4.83 1.11
C ASN A 135 -22.88 -3.35 1.51
N ILE A 136 -21.69 -2.91 1.88
CA ILE A 136 -21.43 -1.51 2.20
C ILE A 136 -20.30 -1.03 1.28
N ILE A 137 -20.55 0.11 0.62
CA ILE A 137 -19.58 0.73 -0.27
C ILE A 137 -19.33 2.16 0.25
N ASN A 138 -18.09 2.42 0.54
CA ASN A 138 -17.71 3.73 1.05
C ASN A 138 -16.95 4.52 0.00
N THR A 139 -17.29 5.81 -0.11
CA THR A 139 -16.51 6.70 -0.96
C THR A 139 -15.32 7.18 -0.17
N CYS A 140 -14.17 6.66 -0.55
CA CYS A 140 -12.90 7.06 0.01
C CYS A 140 -12.36 8.18 -0.94
N SER A 141 -11.08 8.15 -1.29
N SER A 141 -11.07 8.16 -1.28
CA SER A 141 -10.44 9.16 -2.14
CA SER A 141 -10.46 9.15 -2.17
C SER A 141 -9.04 8.72 -2.38
C SER A 141 -9.03 8.72 -2.39
N VAL A 142 -8.45 9.20 -3.46
CA VAL A 142 -7.01 9.20 -3.59
C VAL A 142 -6.35 9.72 -2.30
N GLY A 143 -6.98 10.72 -1.66
CA GLY A 143 -6.47 11.30 -0.45
C GLY A 143 -6.45 10.36 0.76
N GLY A 144 -7.12 9.21 0.67
CA GLY A 144 -6.96 8.17 1.69
C GLY A 144 -5.73 7.31 1.50
N LEU A 145 -5.07 7.44 0.34
CA LEU A 145 -3.91 6.64 -0.06
C LEU A 145 -2.62 7.43 -0.08
N VAL A 146 -2.69 8.64 -0.62
CA VAL A 146 -1.57 9.59 -0.67
C VAL A 146 -2.13 10.91 -0.20
N ALA A 147 -1.27 11.88 0.03
CA ALA A 147 -1.79 13.17 0.45
C ALA A 147 -2.01 14.09 -0.75
N TRP A 148 -3.26 14.50 -0.96
CA TRP A 148 -3.50 15.65 -1.80
C TRP A 148 -2.95 16.89 -1.05
N PRO A 149 -2.34 17.84 -1.79
N PRO A 149 -2.22 17.76 -1.73
CA PRO A 149 -1.83 19.03 -1.12
CA PRO A 149 -1.78 18.97 -1.03
C PRO A 149 -2.95 19.91 -0.56
C PRO A 149 -2.94 19.88 -0.53
N ASP A 150 -2.66 20.52 0.59
CA ASP A 150 -3.51 21.61 1.15
C ASP A 150 -4.85 21.24 1.76
N ILE A 151 -5.15 19.93 1.81
CA ILE A 151 -6.39 19.46 2.42
C ILE A 151 -6.12 18.36 3.44
N PRO A 152 -5.29 18.67 4.46
CA PRO A 152 -4.86 17.62 5.39
C PRO A 152 -6.00 17.02 6.20
N ALA A 153 -6.96 17.78 6.68
CA ALA A 153 -8.09 17.20 7.42
C ALA A 153 -8.87 16.27 6.51
N TYR A 154 -9.12 16.66 5.27
CA TYR A 154 -9.83 15.79 4.33
C TYR A 154 -9.07 14.49 4.17
N ASN A 155 -7.77 14.59 3.92
CA ASN A 155 -6.98 13.38 3.72
C ASN A 155 -7.05 12.47 4.95
N ALA A 156 -6.88 13.08 6.13
CA ALA A 156 -6.98 12.29 7.36
C ALA A 156 -8.33 11.61 7.44
N SER A 157 -9.42 12.32 7.17
CA SER A 157 -10.75 11.66 7.24
C SER A 157 -10.85 10.49 6.29
N LYS A 158 -10.21 10.59 5.12
CA LYS A 158 -10.29 9.54 4.12
C LYS A 158 -9.38 8.37 4.44
N GLY A 159 -8.27 8.60 5.16
CA GLY A 159 -7.55 7.49 5.72
C GLY A 159 -8.39 6.76 6.74
N GLY A 160 -9.18 7.50 7.52
CA GLY A 160 -10.12 6.87 8.44
C GLY A 160 -11.13 6.05 7.67
N VAL A 161 -11.68 6.57 6.57
CA VAL A 161 -12.62 5.81 5.76
C VAL A 161 -12.01 4.52 5.24
N LEU A 162 -10.78 4.60 4.76
CA LEU A 162 -10.09 3.43 4.24
C LEU A 162 -10.04 2.33 5.32
N GLN A 163 -9.58 2.73 6.50
CA GLN A 163 -9.43 1.73 7.55
C GLN A 163 -10.74 1.30 8.17
N LEU A 164 -11.76 2.16 8.21
CA LEU A 164 -13.10 1.72 8.63
C LEU A 164 -13.64 0.67 7.67
N THR A 165 -13.41 0.88 6.37
CA THR A 165 -13.80 -0.04 5.34
C THR A 165 -13.17 -1.42 5.61
N LYS A 166 -11.85 -1.44 5.77
CA LYS A 166 -11.16 -2.71 5.99
CA LYS A 166 -11.16 -2.71 5.99
C LYS A 166 -11.65 -3.37 7.28
N SER A 167 -11.88 -2.56 8.31
CA SER A 167 -12.30 -3.12 9.60
C SER A 167 -13.66 -3.75 9.54
N MET A 168 -14.63 -3.05 8.94
CA MET A 168 -15.96 -3.64 8.79
C MET A 168 -15.89 -4.87 7.87
N ALA A 169 -15.04 -4.83 6.85
CA ALA A 169 -14.90 -6.02 6.01
C ALA A 169 -14.42 -7.23 6.82
N VAL A 170 -13.38 -7.04 7.64
CA VAL A 170 -12.83 -8.14 8.44
C VAL A 170 -13.84 -8.59 9.45
N ASP A 171 -14.51 -7.68 10.12
CA ASP A 171 -15.38 -8.06 11.26
C ASP A 171 -16.69 -8.67 10.78
N TYR A 172 -17.17 -8.34 9.58
CA TYR A 172 -18.48 -8.77 9.13
C TYR A 172 -18.47 -9.77 7.96
N ALA A 173 -17.28 -10.17 7.50
CA ALA A 173 -17.18 -11.11 6.42
C ALA A 173 -17.90 -12.41 6.75
N LYS A 174 -17.78 -12.88 7.99
CA LYS A 174 -18.40 -14.15 8.35
C LYS A 174 -19.93 -14.08 8.29
N HIS A 175 -20.47 -12.86 8.28
CA HIS A 175 -21.89 -12.59 8.16
C HIS A 175 -22.33 -12.31 6.73
N GLN A 176 -21.44 -12.56 5.76
CA GLN A 176 -21.70 -12.32 4.35
C GLN A 176 -22.07 -10.86 4.06
N ILE A 177 -21.45 -9.96 4.81
CA ILE A 177 -21.57 -8.54 4.51
C ILE A 177 -20.25 -8.05 3.92
N ARG A 178 -20.25 -7.81 2.61
CA ARG A 178 -19.06 -7.32 1.96
C ARG A 178 -18.94 -5.83 2.14
N VAL A 179 -17.71 -5.38 2.34
CA VAL A 179 -17.46 -3.94 2.59
C VAL A 179 -16.24 -3.50 1.79
N ASN A 180 -16.43 -2.54 0.87
CA ASN A 180 -15.37 -2.13 -0.02
C ASN A 180 -15.41 -0.62 -0.15
N CYS A 181 -14.37 -0.03 -0.73
CA CYS A 181 -14.39 1.40 -1.04
C CYS A 181 -13.87 1.70 -2.42
N VAL A 182 -14.35 2.84 -2.92
CA VAL A 182 -13.82 3.43 -4.12
C VAL A 182 -12.97 4.63 -3.73
N CYS A 183 -11.85 4.78 -4.41
CA CYS A 183 -10.92 5.91 -4.19
C CYS A 183 -10.85 6.78 -5.44
N PRO A 184 -11.79 7.73 -5.58
CA PRO A 184 -11.76 8.60 -6.77
C PRO A 184 -10.58 9.55 -6.77
N GLY A 185 -10.09 9.83 -7.96
CA GLY A 185 -9.22 10.97 -8.20
C GLY A 185 -10.00 12.26 -8.29
N ILE A 186 -9.57 13.13 -9.21
CA ILE A 186 -10.20 14.43 -9.40
C ILE A 186 -11.36 14.30 -10.37
N ILE A 187 -12.58 14.49 -9.86
CA ILE A 187 -13.83 14.28 -10.59
C ILE A 187 -14.47 15.62 -10.89
N ASP A 188 -14.94 15.76 -12.12
CA ASP A 188 -15.56 17.02 -12.56
C ASP A 188 -17.04 17.02 -12.13
N THR A 189 -17.32 17.63 -11.01
CA THR A 189 -18.67 17.84 -10.54
C THR A 189 -18.86 19.33 -10.26
N PRO A 190 -20.12 19.84 -10.33
CA PRO A 190 -20.31 21.25 -9.98
C PRO A 190 -19.73 21.61 -8.59
N LEU A 191 -19.82 20.72 -7.64
CA LEU A 191 -19.21 20.99 -6.33
C LEU A 191 -17.66 21.16 -6.34
N ASN A 192 -17.00 20.31 -7.12
CA ASN A 192 -15.55 20.46 -7.29
C ASN A 192 -15.20 21.71 -8.08
N GLU A 193 -16.06 22.07 -9.03
CA GLU A 193 -15.80 23.29 -9.78
C GLU A 193 -15.75 24.47 -8.81
N LYS A 194 -16.61 24.48 -7.81
CA LYS A 194 -16.56 25.56 -6.80
C LYS A 194 -15.25 25.59 -6.04
N SER A 195 -14.79 24.40 -5.64
CA SER A 195 -13.51 24.34 -4.98
C SER A 195 -12.35 24.77 -5.89
N PHE A 196 -12.43 24.37 -7.14
CA PHE A 196 -11.42 24.81 -8.10
C PHE A 196 -11.30 26.33 -8.12
N LEU A 197 -12.44 26.99 -8.28
N LEU A 197 -12.45 27.01 -8.27
CA LEU A 197 -12.44 28.43 -8.43
CA LEU A 197 -12.45 28.48 -8.38
C LEU A 197 -11.99 29.14 -7.13
C LEU A 197 -11.96 29.14 -7.12
N GLU A 198 -12.40 28.61 -5.98
CA GLU A 198 -12.11 29.27 -4.73
C GLU A 198 -10.64 29.17 -4.35
N ASN A 199 -9.97 28.10 -4.80
CA ASN A 199 -8.61 27.76 -4.32
C ASN A 199 -7.47 27.96 -5.34
N ASN A 200 -7.80 28.55 -6.48
CA ASN A 200 -6.82 28.75 -7.55
C ASN A 200 -7.13 30.05 -8.28
N GLU A 201 -6.09 30.67 -8.80
CA GLU A 201 -6.25 31.83 -9.68
C GLU A 201 -6.70 31.35 -11.05
N GLY A 202 -7.45 32.22 -11.75
CA GLY A 202 -7.85 31.94 -13.12
C GLY A 202 -9.33 31.75 -13.30
N THR A 203 -9.73 31.62 -14.55
CA THR A 203 -11.11 31.26 -14.85
C THR A 203 -11.33 29.78 -14.57
N LEU A 204 -12.60 29.41 -14.48
CA LEU A 204 -12.92 28.01 -14.26
C LEU A 204 -12.28 27.13 -15.32
N GLU A 205 -12.39 27.54 -16.59
CA GLU A 205 -11.84 26.67 -17.63
C GLU A 205 -10.33 26.54 -17.54
N GLU A 206 -9.64 27.64 -17.22
CA GLU A 206 -8.19 27.59 -17.06
C GLU A 206 -7.82 26.63 -15.94
N ILE A 207 -8.56 26.70 -14.83
CA ILE A 207 -8.19 25.87 -13.68
C ILE A 207 -8.48 24.37 -13.99
N LYS A 208 -9.60 24.09 -14.66
CA LYS A 208 -9.88 22.71 -15.03
C LYS A 208 -8.77 22.12 -15.91
N LYS A 209 -8.26 22.94 -16.83
CA LYS A 209 -7.14 22.49 -17.67
C LYS A 209 -5.91 22.12 -16.83
N GLU A 210 -5.60 22.95 -15.86
CA GLU A 210 -4.49 22.65 -14.98
C GLU A 210 -4.70 21.37 -14.17
N LYS A 211 -5.93 21.16 -13.66
CA LYS A 211 -6.22 19.96 -12.84
C LYS A 211 -6.18 18.71 -13.68
N ALA A 212 -6.57 18.82 -14.95
CA ALA A 212 -6.56 17.65 -15.82
C ALA A 212 -5.16 17.06 -16.01
N LYS A 213 -4.17 17.94 -16.03
CA LYS A 213 -2.81 17.55 -16.42
C LYS A 213 -2.08 16.72 -15.39
N VAL A 214 -2.59 16.66 -14.15
CA VAL A 214 -1.85 15.98 -13.10
C VAL A 214 -2.09 14.48 -13.07
N ASN A 215 -2.98 14.00 -13.92
CA ASN A 215 -3.15 12.53 -13.96
CA ASN A 215 -3.33 12.57 -14.06
C ASN A 215 -2.74 12.00 -15.32
N PRO A 216 -2.23 10.75 -15.31
CA PRO A 216 -1.73 10.15 -16.56
C PRO A 216 -2.73 10.18 -17.73
N LEU A 217 -4.02 9.96 -17.45
N LEU A 217 -4.03 9.96 -17.45
CA LEU A 217 -5.02 9.99 -18.52
CA LEU A 217 -5.02 9.99 -18.52
C LEU A 217 -5.27 11.39 -19.09
C LEU A 217 -5.27 11.39 -19.09
N LEU A 218 -4.77 12.42 -18.40
CA LEU A 218 -4.76 13.81 -18.90
C LEU A 218 -6.16 14.39 -18.98
N ARG A 219 -7.09 13.87 -18.19
CA ARG A 219 -8.42 14.43 -18.07
C ARG A 219 -8.96 14.22 -16.67
N LEU A 220 -9.94 15.00 -16.30
CA LEU A 220 -10.70 14.78 -15.09
C LEU A 220 -11.66 13.62 -15.29
N GLY A 221 -12.00 12.95 -14.20
CA GLY A 221 -13.02 11.91 -14.25
C GLY A 221 -14.41 12.51 -14.29
N LYS A 222 -15.33 11.74 -14.82
CA LYS A 222 -16.76 12.10 -14.81
C LYS A 222 -17.47 11.38 -13.67
N PRO A 223 -18.51 11.97 -13.08
CA PRO A 223 -19.18 11.31 -11.96
C PRO A 223 -19.70 9.90 -12.31
N GLU A 224 -20.17 9.71 -13.54
CA GLU A 224 -20.63 8.40 -13.94
C GLU A 224 -19.53 7.34 -13.85
N GLU A 225 -18.27 7.76 -14.00
CA GLU A 225 -17.15 6.82 -13.95
C GLU A 225 -16.88 6.29 -12.53
N ILE A 226 -17.32 7.05 -11.54
CA ILE A 226 -17.29 6.59 -10.16
C ILE A 226 -18.55 5.78 -9.86
N ALA A 227 -19.69 6.25 -10.31
CA ALA A 227 -20.92 5.48 -10.21
C ALA A 227 -20.78 4.07 -10.74
N ASN A 228 -20.09 3.94 -11.86
CA ASN A 228 -19.93 2.63 -12.47
C ASN A 228 -19.08 1.69 -11.63
N VAL A 229 -18.10 2.23 -10.90
CA VAL A 229 -17.35 1.42 -9.92
C VAL A 229 -18.25 0.97 -8.78
N MET A 230 -19.10 1.87 -8.29
CA MET A 230 -20.07 1.51 -7.29
C MET A 230 -21.03 0.42 -7.74
N LEU A 231 -21.49 0.49 -8.98
CA LEU A 231 -22.34 -0.56 -9.56
C LEU A 231 -21.62 -1.90 -9.46
N PHE A 232 -20.36 -1.93 -9.88
CA PHE A 232 -19.59 -3.18 -9.84
C PHE A 232 -19.47 -3.72 -8.39
N LEU A 233 -19.14 -2.84 -7.45
CA LEU A 233 -18.96 -3.24 -6.05
C LEU A 233 -20.27 -3.73 -5.42
N ALA A 234 -21.39 -3.20 -5.83
CA ALA A 234 -22.69 -3.65 -5.31
C ALA A 234 -23.12 -4.98 -5.94
N SER A 235 -22.71 -5.16 -7.19
CA SER A 235 -23.15 -6.29 -8.03
C SER A 235 -22.48 -7.59 -7.63
N ASP A 236 -23.07 -8.65 -8.14
CA ASP A 236 -22.50 -9.96 -7.93
C ASP A 236 -21.20 -10.16 -8.68
N LEU A 237 -20.83 -9.28 -9.60
CA LEU A 237 -19.53 -9.40 -10.30
C LEU A 237 -18.37 -9.32 -9.28
N SER A 238 -18.59 -8.65 -8.18
CA SER A 238 -17.55 -8.49 -7.18
C SER A 238 -17.71 -9.43 -5.97
N SER A 239 -18.35 -10.57 -6.15
CA SER A 239 -18.69 -11.43 -5.05
C SER A 239 -17.54 -11.95 -4.18
N TYR A 240 -16.31 -12.03 -4.71
CA TYR A 240 -15.20 -12.45 -3.86
C TYR A 240 -14.40 -11.27 -3.31
N MET A 241 -14.91 -10.06 -3.48
CA MET A 241 -14.19 -8.87 -3.02
C MET A 241 -14.79 -8.35 -1.71
N THR A 242 -13.92 -8.23 -0.70
CA THR A 242 -14.26 -7.52 0.51
C THR A 242 -12.97 -6.96 1.07
N GLY A 243 -13.09 -5.81 1.71
CA GLY A 243 -11.94 -5.10 2.23
C GLY A 243 -11.02 -4.51 1.17
N SER A 244 -11.56 -4.33 -0.02
CA SER A 244 -10.81 -3.83 -1.20
C SER A 244 -11.00 -2.33 -1.33
N ALA A 245 -9.97 -1.68 -1.81
CA ALA A 245 -10.00 -0.29 -2.23
C ALA A 245 -9.78 -0.27 -3.74
N ILE A 246 -10.74 0.28 -4.45
N ILE A 246 -10.72 0.32 -4.45
CA ILE A 246 -10.66 0.38 -5.92
CA ILE A 246 -10.62 0.45 -5.88
C ILE A 246 -10.33 1.83 -6.29
C ILE A 246 -10.30 1.86 -6.28
N THR A 247 -9.16 2.06 -6.84
N THR A 247 -9.10 2.08 -6.83
CA THR A 247 -8.78 3.38 -7.25
CA THR A 247 -8.73 3.41 -7.28
C THR A 247 -9.36 3.66 -8.63
C THR A 247 -9.35 3.68 -8.62
N ALA A 248 -9.89 4.87 -8.80
CA ALA A 248 -10.47 5.33 -10.09
C ALA A 248 -10.01 6.79 -10.24
N ASP A 249 -8.80 6.90 -10.75
CA ASP A 249 -8.06 8.15 -10.66
C ASP A 249 -7.24 8.50 -11.87
N GLY A 250 -7.55 7.88 -13.00
CA GLY A 250 -6.80 8.22 -14.21
C GLY A 250 -5.33 7.94 -14.14
N GLY A 251 -4.93 7.06 -13.22
CA GLY A 251 -3.53 6.75 -13.00
C GLY A 251 -2.78 7.53 -11.94
N TYR A 252 -3.47 8.45 -11.25
CA TYR A 252 -2.77 9.38 -10.36
C TYR A 252 -1.86 8.65 -9.35
N THR A 253 -2.39 7.63 -8.69
CA THR A 253 -1.65 6.93 -7.62
C THR A 253 -0.66 5.91 -8.13
N ALA A 254 -0.63 5.64 -9.43
CA ALA A 254 0.35 4.77 -10.02
C ALA A 254 1.71 5.41 -10.22
N GLN A 255 1.78 6.74 -10.07
CA GLN A 255 3.02 7.44 -10.13
C GLN A 255 3.23 8.17 -8.75
N MET B 1 -25.41 -2.37 -23.80
CA MET B 1 -25.04 -2.69 -22.43
C MET B 1 -23.86 -1.87 -22.03
N ILE B 2 -23.93 -1.56 -20.78
CA ILE B 2 -23.02 -0.62 -20.17
C ILE B 2 -21.59 -1.14 -20.21
N MET B 3 -21.42 -2.45 -20.17
CA MET B 3 -20.04 -2.98 -20.24
C MET B 3 -19.41 -2.85 -21.61
N ASN B 4 -20.23 -2.95 -22.64
CA ASN B 4 -19.79 -2.67 -24.00
C ASN B 4 -18.63 -3.54 -24.47
N LEU B 5 -18.71 -4.84 -24.17
CA LEU B 5 -17.67 -5.80 -24.61
C LEU B 5 -18.03 -6.53 -25.91
N THR B 6 -19.27 -6.43 -26.38
CA THR B 6 -19.67 -7.15 -27.57
C THR B 6 -18.77 -6.75 -28.75
N ASP B 7 -18.33 -7.74 -29.52
CA ASP B 7 -17.47 -7.57 -30.70
C ASP B 7 -16.08 -6.98 -30.43
N LYS B 8 -15.71 -6.86 -29.17
CA LYS B 8 -14.32 -6.62 -28.81
C LYS B 8 -13.55 -7.92 -28.95
N THR B 9 -12.26 -7.83 -29.22
CA THR B 9 -11.40 -9.00 -29.31
C THR B 9 -10.45 -8.99 -28.13
N VAL B 10 -10.48 -10.14 -27.42
CA VAL B 10 -9.76 -10.33 -26.16
C VAL B 10 -8.81 -11.51 -26.31
N LEU B 11 -7.53 -11.27 -26.07
N LEU B 11 -7.53 -11.27 -26.07
CA LEU B 11 -6.50 -12.31 -26.13
CA LEU B 11 -6.51 -12.31 -26.14
C LEU B 11 -6.13 -12.67 -24.70
C LEU B 11 -6.13 -12.67 -24.70
N ILE B 12 -6.31 -13.94 -24.36
CA ILE B 12 -6.12 -14.44 -22.96
C ILE B 12 -5.01 -15.48 -22.95
N THR B 13 -3.91 -15.17 -22.29
CA THR B 13 -2.87 -16.17 -22.09
C THR B 13 -3.24 -17.09 -20.92
N GLY B 14 -2.87 -18.35 -21.05
CA GLY B 14 -3.25 -19.34 -20.04
C GLY B 14 -4.75 -19.53 -19.98
N GLY B 15 -5.40 -19.41 -21.14
CA GLY B 15 -6.84 -19.42 -21.18
C GLY B 15 -7.53 -20.76 -21.24
N ALA B 16 -6.77 -21.86 -21.31
CA ALA B 16 -7.37 -23.16 -21.52
C ALA B 16 -7.72 -23.91 -20.23
N SER B 17 -7.48 -23.29 -19.09
CA SER B 17 -7.82 -23.90 -17.79
C SER B 17 -7.99 -22.85 -16.71
N GLY B 18 -8.59 -23.26 -15.61
CA GLY B 18 -8.58 -22.42 -14.40
C GLY B 18 -9.26 -21.07 -14.57
N ILE B 19 -8.67 -20.07 -13.96
CA ILE B 19 -9.17 -18.72 -14.10
C ILE B 19 -9.22 -18.31 -15.58
N GLY B 20 -8.16 -18.64 -16.33
CA GLY B 20 -8.15 -18.29 -17.76
C GLY B 20 -9.37 -18.81 -18.50
N TYR B 21 -9.73 -20.07 -18.23
CA TYR B 21 -10.89 -20.64 -18.91
C TYR B 21 -12.23 -20.02 -18.40
N ALA B 22 -12.30 -19.71 -17.11
CA ALA B 22 -13.46 -18.97 -16.65
C ALA B 22 -13.57 -17.62 -17.36
N ALA B 23 -12.43 -16.97 -17.60
CA ALA B 23 -12.42 -15.73 -18.33
C ALA B 23 -12.88 -15.94 -19.78
N VAL B 24 -12.43 -17.01 -20.42
CA VAL B 24 -12.91 -17.32 -21.76
C VAL B 24 -14.43 -17.39 -21.76
N GLN B 25 -15.00 -18.14 -20.82
CA GLN B 25 -16.44 -18.28 -20.75
C GLN B 25 -17.14 -16.95 -20.50
N ALA B 26 -16.57 -16.13 -19.61
CA ALA B 26 -17.20 -14.85 -19.26
C ALA B 26 -17.20 -13.92 -20.47
N PHE B 27 -16.06 -13.83 -21.16
CA PHE B 27 -15.96 -12.95 -22.32
C PHE B 27 -16.82 -13.43 -23.50
N LEU B 28 -16.82 -14.74 -23.75
CA LEU B 28 -17.73 -15.25 -24.76
C LEU B 28 -19.16 -14.92 -24.39
N GLY B 29 -19.52 -15.01 -23.11
CA GLY B 29 -20.86 -14.68 -22.66
C GLY B 29 -21.24 -13.23 -22.87
N GLN B 30 -20.23 -12.33 -23.02
CA GLN B 30 -20.47 -10.94 -23.38
C GLN B 30 -20.39 -10.71 -24.88
N GLN B 31 -20.34 -11.78 -25.65
CA GLN B 31 -20.24 -11.73 -27.10
C GLN B 31 -18.95 -11.04 -27.57
N ALA B 32 -17.89 -11.13 -26.76
CA ALA B 32 -16.58 -10.76 -27.21
C ALA B 32 -15.98 -11.93 -28.00
N ASN B 33 -15.08 -11.60 -28.91
CA ASN B 33 -14.24 -12.63 -29.55
C ASN B 33 -13.04 -12.90 -28.64
N VAL B 34 -12.72 -14.20 -28.48
CA VAL B 34 -11.66 -14.59 -27.59
C VAL B 34 -10.62 -15.42 -28.32
N VAL B 35 -9.37 -15.02 -28.15
CA VAL B 35 -8.24 -15.78 -28.63
C VAL B 35 -7.46 -16.28 -27.42
N VAL B 36 -7.30 -17.60 -27.31
CA VAL B 36 -6.56 -18.20 -26.23
C VAL B 36 -5.18 -18.55 -26.71
N ALA B 37 -4.18 -18.05 -25.99
CA ALA B 37 -2.80 -18.39 -26.22
C ALA B 37 -2.37 -19.24 -25.05
N ASP B 38 -2.09 -20.52 -25.27
CA ASP B 38 -1.73 -21.42 -24.18
C ASP B 38 -0.83 -22.47 -24.75
N ILE B 39 -0.10 -23.10 -23.86
CA ILE B 39 1.02 -23.94 -24.28
C ILE B 39 0.64 -25.38 -24.62
N ASP B 40 -0.49 -25.88 -24.11
CA ASP B 40 -0.90 -27.31 -24.27
C ASP B 40 -1.99 -27.52 -25.34
N GLU B 41 -1.65 -28.21 -26.43
CA GLU B 41 -2.55 -28.34 -27.62
C GLU B 41 -3.81 -29.10 -27.30
N ALA B 42 -3.66 -30.26 -26.69
CA ALA B 42 -4.79 -31.12 -26.37
C ALA B 42 -5.75 -30.38 -25.48
N GLN B 43 -5.19 -29.65 -24.53
CA GLN B 43 -6.02 -28.93 -23.65
C GLN B 43 -6.77 -27.78 -24.41
N GLY B 44 -6.05 -27.06 -25.26
CA GLY B 44 -6.68 -25.98 -26.07
C GLY B 44 -7.79 -26.57 -26.96
N GLU B 45 -7.54 -27.72 -27.57
CA GLU B 45 -8.51 -28.32 -28.49
C GLU B 45 -9.74 -28.80 -27.71
N ALA B 46 -9.55 -29.34 -26.52
CA ALA B 46 -10.68 -29.73 -25.69
C ALA B 46 -11.54 -28.56 -25.32
N MET B 47 -10.90 -27.44 -25.00
CA MET B 47 -11.65 -26.20 -24.74
C MET B 47 -12.47 -25.82 -25.98
N VAL B 48 -11.85 -25.77 -27.13
CA VAL B 48 -12.58 -25.40 -28.38
C VAL B 48 -13.76 -26.35 -28.63
N ARG B 49 -13.56 -27.66 -28.44
CA ARG B 49 -14.60 -28.60 -28.72
C ARG B 49 -15.79 -28.38 -27.78
N LYS B 50 -15.49 -28.19 -26.50
CA LYS B 50 -16.52 -28.01 -25.48
C LYS B 50 -17.29 -26.72 -25.71
N GLU B 51 -16.58 -25.63 -26.02
CA GLU B 51 -17.26 -24.36 -26.17
C GLU B 51 -18.07 -24.27 -27.45
N ASN B 52 -17.56 -24.92 -28.50
CA ASN B 52 -18.26 -24.97 -29.79
C ASN B 52 -18.78 -23.59 -30.22
N ASN B 53 -17.86 -22.63 -30.30
CA ASN B 53 -18.23 -21.22 -30.45
C ASN B 53 -17.33 -20.52 -31.47
N ASP B 54 -17.94 -20.00 -32.54
CA ASP B 54 -17.17 -19.34 -33.61
C ASP B 54 -16.48 -18.04 -33.17
N ARG B 55 -16.80 -17.54 -31.97
CA ARG B 55 -16.09 -16.41 -31.37
C ARG B 55 -14.83 -16.82 -30.63
N LEU B 56 -14.51 -18.11 -30.61
CA LEU B 56 -13.32 -18.61 -29.90
C LEU B 56 -12.28 -19.16 -30.85
N HIS B 57 -11.02 -18.79 -30.61
CA HIS B 57 -9.90 -19.33 -31.38
C HIS B 57 -8.78 -19.66 -30.44
N PHE B 58 -8.14 -20.81 -30.69
CA PHE B 58 -7.00 -21.24 -29.91
C PHE B 58 -5.75 -21.13 -30.75
N VAL B 59 -4.69 -20.53 -30.18
CA VAL B 59 -3.38 -20.47 -30.81
C VAL B 59 -2.33 -20.99 -29.84
N GLN B 60 -1.74 -22.14 -30.15
CA GLN B 60 -0.72 -22.70 -29.27
C GLN B 60 0.41 -21.69 -29.18
N THR B 61 0.84 -21.39 -27.96
CA THR B 61 1.80 -20.32 -27.70
C THR B 61 2.63 -20.66 -26.47
N ASP B 62 3.95 -20.64 -26.63
CA ASP B 62 4.90 -20.58 -25.51
C ASP B 62 5.27 -19.11 -25.31
N ILE B 63 4.72 -18.47 -24.27
CA ILE B 63 4.91 -17.03 -24.08
C ILE B 63 6.32 -16.63 -23.67
N THR B 64 7.19 -17.60 -23.40
CA THR B 64 8.57 -17.28 -23.11
C THR B 64 9.37 -17.08 -24.39
N ASP B 65 8.76 -17.36 -25.54
CA ASP B 65 9.38 -17.20 -26.84
C ASP B 65 8.77 -15.97 -27.52
N GLU B 66 9.60 -15.00 -27.85
CA GLU B 66 9.08 -13.74 -28.39
C GLU B 66 8.34 -13.92 -29.72
N ALA B 67 8.90 -14.73 -30.61
CA ALA B 67 8.23 -15.00 -31.87
C ALA B 67 6.82 -15.58 -31.67
N ALA B 68 6.67 -16.45 -30.68
CA ALA B 68 5.37 -17.05 -30.38
C ALA B 68 4.40 -16.00 -29.86
N CYS B 69 4.89 -15.07 -29.03
CA CYS B 69 4.06 -13.96 -28.54
C CYS B 69 3.58 -13.10 -29.73
N GLN B 70 4.52 -12.74 -30.61
CA GLN B 70 4.15 -11.94 -31.79
C GLN B 70 3.08 -12.67 -32.59
N HIS B 71 3.29 -13.96 -32.76
CA HIS B 71 2.33 -14.75 -33.54
C HIS B 71 0.94 -14.79 -32.88
N ALA B 72 0.89 -14.85 -31.56
CA ALA B 72 -0.41 -14.88 -30.89
C ALA B 72 -1.17 -13.57 -31.11
N VAL B 73 -0.48 -12.44 -31.00
CA VAL B 73 -1.08 -11.14 -31.25
C VAL B 73 -1.58 -11.08 -32.70
N GLU B 74 -0.75 -11.48 -33.66
CA GLU B 74 -1.14 -11.50 -35.07
C GLU B 74 -2.36 -12.39 -35.32
N SER B 75 -2.41 -13.53 -34.64
N SER B 75 -2.40 -13.53 -34.62
CA SER B 75 -3.54 -14.44 -34.77
CA SER B 75 -3.51 -14.47 -34.72
C SER B 75 -4.83 -13.78 -34.37
C SER B 75 -4.83 -13.81 -34.35
N ALA B 76 -4.81 -13.00 -33.29
CA ALA B 76 -6.00 -12.29 -32.89
C ALA B 76 -6.44 -11.31 -33.97
N VAL B 77 -5.49 -10.53 -34.46
CA VAL B 77 -5.79 -9.49 -35.47
C VAL B 77 -6.27 -10.15 -36.77
N HIS B 78 -5.64 -11.25 -37.19
CA HIS B 78 -6.09 -11.93 -38.39
C HIS B 78 -7.44 -12.60 -38.24
N THR B 79 -7.68 -13.23 -37.10
CA THR B 79 -8.85 -14.04 -36.95
C THR B 79 -10.09 -13.20 -36.76
N PHE B 80 -9.98 -12.14 -35.97
CA PHE B 80 -11.12 -11.34 -35.61
C PHE B 80 -11.09 -9.86 -36.03
N GLY B 81 -9.98 -9.39 -36.57
CA GLY B 81 -9.89 -8.07 -37.15
C GLY B 81 -9.15 -7.04 -36.34
N GLY B 82 -8.86 -7.34 -35.08
CA GLY B 82 -8.18 -6.39 -34.23
C GLY B 82 -7.91 -7.01 -32.88
N LEU B 83 -7.49 -6.18 -31.94
CA LEU B 83 -7.15 -6.61 -30.55
C LEU B 83 -7.45 -5.46 -29.62
N ASP B 84 -8.48 -5.64 -28.82
CA ASP B 84 -8.92 -4.63 -27.89
C ASP B 84 -8.36 -4.80 -26.49
N VAL B 85 -8.24 -6.06 -26.05
CA VAL B 85 -7.88 -6.36 -24.68
C VAL B 85 -6.87 -7.53 -24.69
N LEU B 86 -5.75 -7.35 -23.98
CA LEU B 86 -4.83 -8.43 -23.70
C LEU B 86 -4.98 -8.76 -22.21
N ILE B 87 -5.20 -10.04 -21.90
CA ILE B 87 -5.21 -10.53 -20.52
C ILE B 87 -4.03 -11.46 -20.33
N ASN B 88 -3.02 -10.94 -19.62
CA ASN B 88 -1.84 -11.74 -19.28
C ASN B 88 -2.12 -12.53 -18.04
N ASN B 89 -2.70 -13.71 -18.23
CA ASN B 89 -3.10 -14.57 -17.14
C ASN B 89 -2.17 -15.73 -16.88
N ALA B 90 -1.36 -16.14 -17.84
CA ALA B 90 -0.49 -17.27 -17.64
C ALA B 90 0.42 -17.09 -16.45
N GLY B 91 0.61 -18.18 -15.71
CA GLY B 91 1.50 -18.15 -14.58
C GLY B 91 1.71 -19.54 -14.03
N ILE B 92 2.84 -19.74 -13.38
CA ILE B 92 3.14 -21.01 -12.71
C ILE B 92 3.63 -20.75 -11.32
N GLU B 93 3.51 -21.80 -10.52
CA GLU B 93 3.96 -21.81 -9.15
C GLU B 93 4.94 -22.97 -9.02
N ILE B 94 6.15 -22.70 -8.53
CA ILE B 94 7.06 -23.76 -8.07
C ILE B 94 7.32 -23.45 -6.61
N VAL B 95 7.20 -24.48 -5.77
CA VAL B 95 7.36 -24.32 -4.34
C VAL B 95 8.80 -24.75 -3.94
N ALA B 96 9.56 -23.80 -3.41
CA ALA B 96 10.93 -24.05 -2.96
C ALA B 96 11.39 -22.87 -2.12
N PRO B 97 12.16 -23.14 -1.08
CA PRO B 97 12.74 -22.03 -0.31
C PRO B 97 13.89 -21.43 -1.04
N ILE B 98 14.14 -20.16 -0.81
CA ILE B 98 15.24 -19.49 -1.51
C ILE B 98 16.55 -20.23 -1.33
N HIS B 99 16.83 -20.71 -0.12
CA HIS B 99 18.17 -21.29 0.13
C HIS B 99 18.39 -22.61 -0.56
N GLU B 100 17.30 -23.22 -1.06
CA GLU B 100 17.39 -24.47 -1.80
C GLU B 100 17.03 -24.35 -3.26
N MET B 101 16.48 -23.24 -3.71
CA MET B 101 15.90 -23.23 -5.04
C MET B 101 16.95 -23.28 -6.16
N GLU B 102 16.70 -24.17 -7.13
CA GLU B 102 17.51 -24.26 -8.31
C GLU B 102 17.33 -23.00 -9.16
N LEU B 103 18.43 -22.48 -9.69
CA LEU B 103 18.36 -21.33 -10.58
C LEU B 103 17.45 -21.63 -11.79
N SER B 104 17.50 -22.87 -12.30
CA SER B 104 16.63 -23.20 -13.42
C SER B 104 15.14 -23.08 -13.07
N ASP B 105 14.78 -23.39 -11.82
CA ASP B 105 13.40 -23.27 -11.37
C ASP B 105 13.01 -21.80 -11.14
N TRP B 106 13.90 -21.03 -10.53
CA TRP B 106 13.72 -19.58 -10.39
C TRP B 106 13.42 -18.99 -11.77
N ASN B 107 14.27 -19.31 -12.72
CA ASN B 107 14.13 -18.78 -14.06
C ASN B 107 12.83 -19.17 -14.73
N LYS B 108 12.39 -20.42 -14.52
CA LYS B 108 11.11 -20.87 -15.11
C LYS B 108 9.96 -20.01 -14.60
N VAL B 109 9.94 -19.77 -13.28
CA VAL B 109 8.87 -18.96 -12.70
C VAL B 109 8.91 -17.55 -13.27
N LEU B 110 10.08 -16.92 -13.27
CA LEU B 110 10.14 -15.53 -13.75
C LEU B 110 9.86 -15.44 -15.23
N GLN B 111 10.33 -16.43 -16.01
CA GLN B 111 10.12 -16.40 -17.44
C GLN B 111 8.66 -16.48 -17.84
N VAL B 112 7.92 -17.38 -17.20
CA VAL B 112 6.50 -17.50 -17.53
C VAL B 112 5.73 -16.31 -16.95
N ASN B 113 5.99 -16.00 -15.69
CA ASN B 113 5.11 -15.12 -14.97
C ASN B 113 5.33 -13.64 -15.29
N LEU B 114 6.56 -13.33 -15.64
CA LEU B 114 6.99 -11.94 -15.82
C LEU B 114 7.55 -11.66 -17.21
N THR B 115 8.55 -12.40 -17.64
CA THR B 115 9.08 -12.18 -19.01
C THR B 115 8.01 -12.38 -20.05
N GLY B 116 7.18 -13.41 -19.91
CA GLY B 116 6.16 -13.67 -20.90
C GLY B 116 5.14 -12.55 -20.94
N MET B 117 4.84 -12.00 -19.77
CA MET B 117 3.94 -10.85 -19.70
C MET B 117 4.53 -9.64 -20.42
N PHE B 118 5.82 -9.42 -20.21
CA PHE B 118 6.52 -8.37 -20.95
C PHE B 118 6.41 -8.60 -22.47
N LEU B 119 6.73 -9.80 -22.94
CA LEU B 119 6.78 -10.07 -24.37
C LEU B 119 5.40 -9.98 -25.03
N MET B 120 4.38 -10.50 -24.37
CA MET B 120 3.03 -10.39 -24.88
C MET B 120 2.61 -8.92 -24.93
N SER B 121 2.87 -8.21 -23.83
CA SER B 121 2.50 -6.82 -23.76
C SER B 121 3.22 -5.99 -24.84
N LYS B 122 4.50 -6.26 -25.07
CA LYS B 122 5.26 -5.54 -26.07
C LYS B 122 4.53 -5.61 -27.41
N HIS B 123 4.17 -6.79 -27.86
CA HIS B 123 3.57 -6.97 -29.17
C HIS B 123 2.13 -6.49 -29.20
N ALA B 124 1.39 -6.63 -28.10
CA ALA B 124 0.06 -6.06 -28.06
C ALA B 124 0.10 -4.53 -28.13
N LEU B 125 1.08 -3.97 -27.41
CA LEU B 125 1.19 -2.51 -27.40
C LEU B 125 1.52 -1.97 -28.77
N LYS B 126 2.36 -2.64 -29.54
CA LYS B 126 2.66 -2.14 -30.88
C LYS B 126 1.34 -1.99 -31.67
N HIS B 127 0.45 -2.97 -31.55
CA HIS B 127 -0.85 -2.87 -32.20
C HIS B 127 -1.74 -1.77 -31.62
N MET B 128 -1.85 -1.76 -30.29
CA MET B 128 -2.74 -0.83 -29.59
C MET B 128 -2.33 0.63 -29.76
N LEU B 129 -1.02 0.89 -29.81
CA LEU B 129 -0.51 2.23 -30.12
C LEU B 129 -1.04 2.67 -31.47
N ALA B 130 -0.92 1.81 -32.47
CA ALA B 130 -1.40 2.15 -33.80
C ALA B 130 -2.91 2.30 -33.83
N ALA B 131 -3.64 1.48 -33.08
CA ALA B 131 -5.08 1.51 -33.06
C ALA B 131 -5.65 2.70 -32.32
N GLY B 132 -4.82 3.35 -31.52
CA GLY B 132 -5.22 4.55 -30.78
C GLY B 132 -5.89 4.28 -29.44
N LYS B 133 -5.97 3.02 -29.03
CA LYS B 133 -6.59 2.65 -27.74
C LYS B 133 -6.31 1.19 -27.46
N GLY B 134 -6.48 0.82 -26.19
CA GLY B 134 -6.34 -0.59 -25.82
C GLY B 134 -6.52 -0.77 -24.35
N ASN B 135 -6.37 -2.01 -23.93
CA ASN B 135 -6.59 -2.37 -22.53
C ASN B 135 -5.75 -3.62 -22.25
N ILE B 136 -4.92 -3.57 -21.21
CA ILE B 136 -4.15 -4.70 -20.76
C ILE B 136 -4.54 -4.97 -19.33
N ILE B 137 -4.87 -6.24 -19.06
CA ILE B 137 -5.21 -6.73 -17.71
C ILE B 137 -4.23 -7.81 -17.35
N ASN B 138 -3.50 -7.61 -16.25
CA ASN B 138 -2.56 -8.63 -15.79
C ASN B 138 -3.09 -9.35 -14.59
N THR B 139 -2.91 -10.67 -14.57
CA THR B 139 -3.18 -11.45 -13.37
C THR B 139 -1.98 -11.34 -12.47
N CYS B 140 -2.17 -10.60 -11.38
CA CYS B 140 -1.18 -10.47 -10.33
C CYS B 140 -1.53 -11.53 -9.28
N SER B 141 -1.54 -11.19 -8.00
CA SER B 141 -1.85 -12.12 -6.91
C SER B 141 -1.85 -11.30 -5.65
N VAL B 142 -2.51 -11.84 -4.62
CA VAL B 142 -2.22 -11.42 -3.25
C VAL B 142 -0.71 -11.44 -2.98
N GLY B 143 -0.01 -12.42 -3.56
CA GLY B 143 1.42 -12.57 -3.42
C GLY B 143 2.24 -11.44 -4.04
N GLY B 144 1.63 -10.59 -4.85
CA GLY B 144 2.29 -9.36 -5.28
C GLY B 144 2.21 -8.20 -4.29
N LEU B 145 1.38 -8.37 -3.26
CA LEU B 145 1.10 -7.35 -2.24
C LEU B 145 1.69 -7.72 -0.90
N VAL B 146 1.54 -8.99 -0.50
CA VAL B 146 2.11 -9.54 0.72
C VAL B 146 2.78 -10.83 0.33
N ALA B 147 3.53 -11.45 1.22
CA ALA B 147 4.18 -12.69 0.88
C ALA B 147 3.36 -13.87 1.32
N TRP B 148 2.90 -14.68 0.37
CA TRP B 148 2.44 -16.03 0.69
C TRP B 148 3.65 -16.86 1.22
N PRO B 149 3.45 -17.70 2.22
CA PRO B 149 4.59 -18.47 2.69
C PRO B 149 5.07 -19.50 1.66
N ASP B 150 6.37 -19.75 1.63
CA ASP B 150 6.98 -20.88 0.92
C ASP B 150 7.03 -20.81 -0.59
N ILE B 151 6.63 -19.67 -1.16
CA ILE B 151 6.67 -19.50 -2.63
C ILE B 151 7.32 -18.20 -3.01
N PRO B 152 8.56 -17.98 -2.54
CA PRO B 152 9.20 -16.68 -2.70
C PRO B 152 9.42 -16.27 -4.16
N ALA B 153 9.78 -17.20 -5.04
CA ALA B 153 9.96 -16.87 -6.46
C ALA B 153 8.63 -16.41 -7.06
N TYR B 154 7.57 -17.11 -6.72
CA TYR B 154 6.24 -16.71 -7.19
C TYR B 154 5.90 -15.32 -6.73
N ASN B 155 6.06 -15.05 -5.44
CA ASN B 155 5.73 -13.72 -4.92
C ASN B 155 6.59 -12.64 -5.57
N ALA B 156 7.89 -12.89 -5.74
CA ALA B 156 8.74 -11.96 -6.43
C ALA B 156 8.24 -11.69 -7.84
N SER B 157 7.88 -12.74 -8.59
CA SER B 157 7.37 -12.55 -9.92
C SER B 157 6.14 -11.67 -9.94
N LYS B 158 5.28 -11.83 -8.94
CA LYS B 158 4.04 -11.08 -8.89
C LYS B 158 4.22 -9.64 -8.43
N GLY B 159 5.23 -9.39 -7.62
CA GLY B 159 5.63 -8.01 -7.38
C GLY B 159 6.09 -7.35 -8.67
N GLY B 160 6.82 -8.13 -9.48
CA GLY B 160 7.18 -7.63 -10.83
C GLY B 160 5.98 -7.34 -11.68
N VAL B 161 4.98 -8.23 -11.66
CA VAL B 161 3.75 -7.99 -12.39
C VAL B 161 3.05 -6.71 -11.94
N LEU B 162 2.97 -6.50 -10.63
CA LEU B 162 2.33 -5.30 -10.09
C LEU B 162 2.99 -4.04 -10.63
N GLN B 163 4.31 -3.97 -10.53
CA GLN B 163 5.00 -2.79 -10.99
C GLN B 163 5.04 -2.65 -12.50
N LEU B 164 5.08 -3.75 -13.24
CA LEU B 164 4.97 -3.68 -14.69
C LEU B 164 3.61 -3.09 -15.06
N THR B 165 2.57 -3.51 -14.35
CA THR B 165 1.24 -2.98 -14.58
C THR B 165 1.20 -1.46 -14.40
N LYS B 166 1.71 -0.98 -13.27
N LYS B 166 1.71 -0.99 -13.27
CA LYS B 166 1.72 0.45 -12.99
CA LYS B 166 1.71 0.45 -12.97
C LYS B 166 2.56 1.23 -14.01
C LYS B 166 2.56 1.22 -14.00
N SER B 167 3.68 0.62 -14.40
CA SER B 167 4.57 1.25 -15.33
C SER B 167 3.92 1.42 -16.71
N MET B 168 3.33 0.37 -17.24
CA MET B 168 2.67 0.48 -18.52
C MET B 168 1.47 1.43 -18.43
N ALA B 169 0.79 1.43 -17.29
CA ALA B 169 -0.31 2.37 -17.12
C ALA B 169 0.18 3.81 -17.26
N VAL B 170 1.24 4.15 -16.55
CA VAL B 170 1.76 5.52 -16.56
C VAL B 170 2.28 5.87 -17.95
N ASP B 171 3.00 4.96 -18.56
CA ASP B 171 3.67 5.27 -19.84
C ASP B 171 2.68 5.36 -21.01
N TYR B 172 1.56 4.63 -20.94
CA TYR B 172 0.64 4.52 -22.06
C TYR B 172 -0.71 5.19 -21.87
N ALA B 173 -0.92 5.83 -20.72
CA ALA B 173 -2.17 6.49 -20.48
C ALA B 173 -2.48 7.56 -21.54
N LYS B 174 -1.44 8.28 -21.99
CA LYS B 174 -1.66 9.31 -22.99
C LYS B 174 -2.09 8.74 -24.33
N HIS B 175 -1.89 7.44 -24.53
CA HIS B 175 -2.27 6.72 -25.70
C HIS B 175 -3.59 5.98 -25.51
N GLN B 176 -4.31 6.29 -24.43
CA GLN B 176 -5.60 5.66 -24.18
C GLN B 176 -5.52 4.14 -24.10
N ILE B 177 -4.41 3.67 -23.54
CA ILE B 177 -4.26 2.24 -23.28
C ILE B 177 -4.29 2.07 -21.76
N ARG B 178 -5.41 1.58 -21.25
CA ARG B 178 -5.57 1.37 -19.82
C ARG B 178 -4.89 0.07 -19.43
N VAL B 179 -4.24 0.07 -18.27
CA VAL B 179 -3.51 -1.13 -17.82
C VAL B 179 -3.78 -1.30 -16.36
N ASN B 180 -4.33 -2.46 -15.99
CA ASN B 180 -4.72 -2.71 -14.61
C ASN B 180 -4.41 -4.17 -14.26
N CYS B 181 -4.44 -4.50 -12.96
CA CYS B 181 -4.28 -5.90 -12.60
C CYS B 181 -5.30 -6.30 -11.59
N VAL B 182 -5.57 -7.63 -11.59
CA VAL B 182 -6.34 -8.23 -10.54
C VAL B 182 -5.38 -9.04 -9.66
N CYS B 183 -5.66 -9.01 -8.38
CA CYS B 183 -4.84 -9.69 -7.37
C CYS B 183 -5.70 -10.75 -6.64
N PRO B 184 -5.79 -11.95 -7.27
CA PRO B 184 -6.60 -12.97 -6.64
C PRO B 184 -5.99 -13.49 -5.35
N GLY B 185 -6.86 -13.87 -4.46
CA GLY B 185 -6.47 -14.68 -3.30
C GLY B 185 -6.33 -16.14 -3.67
N ILE B 186 -6.85 -17.00 -2.81
CA ILE B 186 -6.79 -18.44 -2.99
C ILE B 186 -8.02 -18.90 -3.73
N ILE B 187 -7.80 -19.34 -4.96
CA ILE B 187 -8.87 -19.71 -5.88
C ILE B 187 -8.90 -21.22 -6.06
N ASP B 188 -10.10 -21.77 -6.05
CA ASP B 188 -10.28 -23.22 -6.21
C ASP B 188 -10.25 -23.59 -7.69
N THR B 189 -9.06 -23.98 -8.15
CA THR B 189 -8.84 -24.45 -9.52
C THR B 189 -8.12 -25.80 -9.44
N PRO B 190 -8.31 -26.66 -10.46
N PRO B 190 -8.11 -26.53 -10.56
CA PRO B 190 -7.58 -27.92 -10.41
CA PRO B 190 -7.53 -27.87 -10.50
C PRO B 190 -6.05 -27.80 -10.18
C PRO B 190 -6.05 -27.80 -10.19
N LEU B 191 -5.38 -26.80 -10.75
CA LEU B 191 -3.94 -26.65 -10.50
C LEU B 191 -3.67 -26.34 -9.04
N ASN B 192 -4.52 -25.53 -8.43
N ASN B 192 -4.52 -25.53 -8.43
CA ASN B 192 -4.36 -25.26 -7.01
CA ASN B 192 -4.36 -25.25 -7.03
C ASN B 192 -4.66 -26.46 -6.16
C ASN B 192 -4.67 -26.44 -6.15
N GLU B 193 -5.65 -27.26 -6.55
CA GLU B 193 -5.93 -28.51 -5.82
C GLU B 193 -4.68 -29.39 -5.76
N LYS B 194 -3.97 -29.47 -6.88
CA LYS B 194 -2.77 -30.28 -6.93
C LYS B 194 -1.72 -29.73 -5.97
N SER B 195 -1.53 -28.41 -6.00
CA SER B 195 -0.60 -27.80 -5.10
C SER B 195 -1.01 -27.96 -3.63
N PHE B 196 -2.30 -27.85 -3.35
CA PHE B 196 -2.80 -28.07 -2.00
C PHE B 196 -2.34 -29.43 -1.48
N LEU B 197 -2.59 -30.46 -2.27
CA LEU B 197 -2.28 -31.81 -1.83
C LEU B 197 -0.78 -32.01 -1.67
N GLU B 198 0.01 -31.46 -2.59
CA GLU B 198 1.46 -31.68 -2.61
C GLU B 198 2.15 -31.05 -1.43
N ASN B 199 1.57 -29.93 -0.95
CA ASN B 199 2.26 -29.06 -0.01
C ASN B 199 1.65 -28.96 1.37
N ASN B 200 0.67 -29.81 1.67
CA ASN B 200 0.01 -29.80 2.99
C ASN B 200 -0.41 -31.20 3.36
N GLU B 201 -0.45 -31.47 4.67
CA GLU B 201 -0.99 -32.71 5.19
C GLU B 201 -2.50 -32.66 5.13
N GLY B 202 -3.11 -33.81 4.88
CA GLY B 202 -4.54 -33.95 4.90
C GLY B 202 -5.16 -34.38 3.59
N THR B 203 -6.44 -34.70 3.67
CA THR B 203 -7.21 -34.93 2.45
C THR B 203 -7.46 -33.62 1.71
N LEU B 204 -7.89 -33.73 0.46
CA LEU B 204 -8.21 -32.53 -0.31
C LEU B 204 -9.23 -31.69 0.43
N GLU B 205 -10.29 -32.33 0.91
CA GLU B 205 -11.36 -31.54 1.53
CA GLU B 205 -11.36 -31.59 1.57
C GLU B 205 -10.86 -30.86 2.81
N GLU B 206 -10.02 -31.55 3.58
CA GLU B 206 -9.45 -30.95 4.79
C GLU B 206 -8.60 -29.74 4.45
N ILE B 207 -7.76 -29.88 3.43
CA ILE B 207 -6.87 -28.77 3.06
C ILE B 207 -7.65 -27.59 2.50
N LYS B 208 -8.69 -27.85 1.70
CA LYS B 208 -9.52 -26.76 1.21
C LYS B 208 -10.14 -26.01 2.39
N LYS B 209 -10.57 -26.74 3.43
CA LYS B 209 -11.14 -26.07 4.60
C LYS B 209 -10.10 -25.19 5.28
N GLU B 210 -8.89 -25.73 5.44
CA GLU B 210 -7.80 -24.96 6.05
C GLU B 210 -7.52 -23.69 5.26
N LYS B 211 -7.47 -23.79 3.95
CA LYS B 211 -7.17 -22.66 3.10
C LYS B 211 -8.33 -21.66 3.11
N ALA B 212 -9.56 -22.15 3.22
CA ALA B 212 -10.71 -21.28 3.29
C ALA B 212 -10.66 -20.40 4.51
N LYS B 213 -10.20 -20.96 5.62
CA LYS B 213 -10.25 -20.25 6.91
C LYS B 213 -9.30 -19.12 7.09
N VAL B 214 -8.31 -19.01 6.21
CA VAL B 214 -7.40 -17.89 6.32
C VAL B 214 -7.96 -16.61 5.76
N ASN B 215 -9.14 -16.70 5.11
CA ASN B 215 -9.80 -15.55 4.54
C ASN B 215 -10.98 -15.14 5.37
N PRO B 216 -11.21 -13.84 5.54
CA PRO B 216 -12.38 -13.42 6.28
C PRO B 216 -13.71 -14.01 5.77
N LEU B 217 -13.89 -14.15 4.46
N LEU B 217 -13.87 -14.14 4.47
CA LEU B 217 -15.15 -14.69 3.91
CA LEU B 217 -15.08 -14.67 3.92
C LEU B 217 -15.28 -16.17 4.18
C LEU B 217 -15.27 -16.16 4.16
N LEU B 218 -14.21 -16.83 4.61
CA LEU B 218 -14.26 -18.24 5.06
C LEU B 218 -14.59 -19.20 3.93
N ARG B 219 -14.20 -18.84 2.73
CA ARG B 219 -14.30 -19.72 1.57
C ARG B 219 -13.22 -19.37 0.59
N LEU B 220 -12.88 -20.33 -0.26
CA LEU B 220 -12.05 -20.10 -1.42
C LEU B 220 -12.82 -19.36 -2.48
N GLY B 221 -12.09 -18.65 -3.32
CA GLY B 221 -12.75 -18.04 -4.47
C GLY B 221 -12.99 -19.04 -5.58
N LYS B 222 -13.97 -18.75 -6.42
CA LYS B 222 -14.20 -19.53 -7.61
C LYS B 222 -13.56 -18.84 -8.79
N PRO B 223 -13.12 -19.58 -9.82
CA PRO B 223 -12.48 -18.94 -10.94
C PRO B 223 -13.37 -17.91 -11.62
N GLU B 224 -14.67 -18.16 -11.68
CA GLU B 224 -15.60 -17.21 -12.28
C GLU B 224 -15.59 -15.86 -11.57
N GLU B 225 -15.27 -15.86 -10.27
CA GLU B 225 -15.24 -14.62 -9.51
C GLU B 225 -14.05 -13.75 -9.91
N ILE B 226 -12.96 -14.36 -10.35
CA ILE B 226 -11.84 -13.60 -10.90
C ILE B 226 -12.14 -13.18 -12.35
N ALA B 227 -12.72 -14.07 -13.15
CA ALA B 227 -13.19 -13.72 -14.50
C ALA B 227 -14.08 -12.49 -14.48
N ASN B 228 -14.95 -12.38 -13.48
CA ASN B 228 -15.89 -11.28 -13.41
C ASN B 228 -15.17 -9.95 -13.14
N VAL B 229 -14.09 -9.99 -12.37
CA VAL B 229 -13.26 -8.80 -12.19
C VAL B 229 -12.60 -8.42 -13.51
N MET B 230 -12.14 -9.42 -14.25
CA MET B 230 -11.56 -9.14 -15.56
C MET B 230 -12.58 -8.53 -16.52
N LEU B 231 -13.83 -8.99 -16.51
CA LEU B 231 -14.88 -8.36 -17.28
C LEU B 231 -14.95 -6.86 -16.96
N PHE B 232 -14.99 -6.56 -15.67
CA PHE B 232 -15.11 -5.19 -15.23
C PHE B 232 -13.92 -4.36 -15.72
N LEU B 233 -12.69 -4.85 -15.54
CA LEU B 233 -11.50 -4.13 -15.99
C LEU B 233 -11.42 -3.94 -17.49
N ALA B 234 -11.94 -4.87 -18.29
CA ALA B 234 -11.98 -4.74 -19.73
C ALA B 234 -13.08 -3.79 -20.21
N SER B 235 -14.15 -3.72 -19.44
CA SER B 235 -15.37 -3.03 -19.78
C SER B 235 -15.23 -1.52 -19.64
N ASP B 236 -16.21 -0.84 -20.18
CA ASP B 236 -16.29 0.62 -20.07
C ASP B 236 -16.68 1.03 -18.65
N LEU B 237 -17.14 0.13 -17.78
CA LEU B 237 -17.39 0.51 -16.38
C LEU B 237 -16.16 1.03 -15.70
N SER B 238 -15.00 0.54 -16.11
CA SER B 238 -13.74 0.93 -15.51
C SER B 238 -12.99 2.02 -16.30
N SER B 239 -13.72 2.84 -17.04
CA SER B 239 -13.09 3.79 -17.95
C SER B 239 -12.16 4.83 -17.33
N TYR B 240 -12.32 5.16 -16.04
CA TYR B 240 -11.36 6.09 -15.42
C TYR B 240 -10.30 5.38 -14.61
N MET B 241 -10.20 4.05 -14.76
CA MET B 241 -9.21 3.26 -14.01
C MET B 241 -8.03 2.86 -14.87
N THR B 242 -6.86 3.26 -14.44
CA THR B 242 -5.62 2.75 -14.99
C THR B 242 -4.57 2.78 -13.91
N GLY B 243 -3.70 1.77 -13.95
CA GLY B 243 -2.67 1.60 -12.94
C GLY B 243 -3.21 1.08 -11.62
N SER B 244 -4.41 0.50 -11.62
CA SER B 244 -5.11 0.01 -10.42
C SER B 244 -4.80 -1.48 -10.22
N ALA B 245 -4.72 -1.86 -8.96
CA ALA B 245 -4.65 -3.24 -8.54
C ALA B 245 -5.94 -3.53 -7.79
N ILE B 246 -6.68 -4.52 -8.25
N ILE B 246 -6.73 -4.47 -8.31
CA ILE B 246 -7.96 -4.89 -7.65
CA ILE B 246 -8.04 -4.84 -7.72
C ILE B 246 -7.80 -6.20 -6.91
C ILE B 246 -7.87 -6.16 -6.99
N THR B 247 -7.87 -6.14 -5.57
N THR B 247 -7.99 -6.12 -5.68
CA THR B 247 -7.84 -7.39 -4.79
CA THR B 247 -7.84 -7.34 -4.92
C THR B 247 -9.18 -8.12 -4.89
C THR B 247 -9.17 -8.11 -4.87
N ALA B 248 -9.10 -9.44 -5.06
CA ALA B 248 -10.28 -10.30 -5.03
C ALA B 248 -9.88 -11.54 -4.25
N ASP B 249 -9.98 -11.41 -2.94
CA ASP B 249 -9.29 -12.29 -2.01
C ASP B 249 -10.09 -12.62 -0.78
N GLY B 250 -11.39 -12.40 -0.81
CA GLY B 250 -12.20 -12.71 0.36
C GLY B 250 -11.80 -11.99 1.62
N GLY B 251 -11.11 -10.86 1.47
CA GLY B 251 -10.65 -10.10 2.60
C GLY B 251 -9.24 -10.37 3.09
N TYR B 252 -8.51 -11.29 2.46
CA TYR B 252 -7.22 -11.72 2.98
C TYR B 252 -6.28 -10.54 3.28
N THR B 253 -6.14 -9.60 2.37
CA THR B 253 -5.18 -8.53 2.51
C THR B 253 -5.71 -7.37 3.36
N ALA B 254 -6.95 -7.42 3.79
CA ALA B 254 -7.50 -6.42 4.69
C ALA B 254 -7.14 -6.65 6.14
N GLN B 255 -6.57 -7.82 6.43
CA GLN B 255 -6.12 -8.17 7.76
C GLN B 255 -4.58 -8.42 7.66
N MET C 1 28.99 10.60 18.04
CA MET C 1 27.71 9.83 17.81
C MET C 1 26.89 10.24 16.60
N ILE C 2 26.69 9.26 15.74
CA ILE C 2 26.06 9.49 14.45
C ILE C 2 24.57 9.88 14.55
N MET C 3 23.86 9.44 15.60
CA MET C 3 22.44 9.86 15.73
C MET C 3 22.29 11.28 16.13
N ASN C 4 23.25 11.75 16.93
CA ASN C 4 23.38 13.17 17.16
C ASN C 4 22.18 13.82 17.84
N LEU C 5 21.64 13.15 18.85
CA LEU C 5 20.44 13.64 19.55
C LEU C 5 20.75 14.48 20.78
N THR C 6 22.03 14.55 21.14
CA THR C 6 22.41 15.27 22.33
C THR C 6 21.93 16.73 22.20
N ASP C 7 21.25 17.22 23.23
CA ASP C 7 20.72 18.59 23.30
C ASP C 7 19.58 18.96 22.36
N LYS C 8 19.04 17.97 21.66
CA LYS C 8 17.77 18.15 20.93
C LYS C 8 16.63 18.11 21.96
N THR C 9 15.55 18.87 21.73
CA THR C 9 14.39 18.89 22.62
C THR C 9 13.22 18.14 21.97
N VAL C 10 12.74 17.13 22.71
CA VAL C 10 11.75 16.19 22.23
C VAL C 10 10.52 16.27 23.16
N LEU C 11 9.35 16.55 22.57
N LEU C 11 9.35 16.55 22.57
CA LEU C 11 8.08 16.59 23.32
CA LEU C 11 8.10 16.58 23.31
C LEU C 11 7.33 15.32 22.98
C LEU C 11 7.33 15.31 22.98
N ILE C 12 7.03 14.52 24.02
CA ILE C 12 6.40 13.20 23.84
C ILE C 12 5.03 13.21 24.54
N THR C 13 3.97 13.06 23.73
CA THR C 13 2.64 12.90 24.33
C THR C 13 2.44 11.44 24.74
N GLY C 14 1.71 11.25 25.82
CA GLY C 14 1.54 9.91 26.38
C GLY C 14 2.86 9.34 26.85
N GLY C 15 3.77 10.21 27.30
CA GLY C 15 5.12 9.80 27.64
C GLY C 15 5.34 9.22 29.01
N ALA C 16 4.31 9.20 29.86
CA ALA C 16 4.51 8.79 31.25
C ALA C 16 4.29 7.29 31.51
N SER C 17 4.00 6.53 30.45
CA SER C 17 3.88 5.07 30.58
C SER C 17 4.11 4.39 29.24
N GLY C 18 4.30 3.07 29.27
CA GLY C 18 4.30 2.24 28.04
C GLY C 18 5.38 2.61 27.04
N ILE C 19 5.02 2.55 25.76
CA ILE C 19 5.95 2.93 24.69
C ILE C 19 6.45 4.38 24.91
N GLY C 20 5.54 5.26 25.34
CA GLY C 20 5.91 6.65 25.57
C GLY C 20 7.05 6.78 26.57
N TYR C 21 6.96 6.04 27.68
CA TYR C 21 7.99 6.08 28.69
C TYR C 21 9.28 5.38 28.22
N ALA C 22 9.17 4.26 27.49
CA ALA C 22 10.36 3.69 26.87
C ALA C 22 11.07 4.72 26.01
N ALA C 23 10.29 5.53 25.28
CA ALA C 23 10.86 6.60 24.47
C ALA C 23 11.55 7.63 25.34
N VAL C 24 10.91 8.03 26.43
CA VAL C 24 11.54 8.98 27.37
C VAL C 24 12.91 8.44 27.78
N GLN C 25 12.96 7.18 28.21
CA GLN C 25 14.24 6.60 28.63
C GLN C 25 15.26 6.58 27.52
N ALA C 26 14.82 6.21 26.31
CA ALA C 26 15.74 6.13 25.17
C ALA C 26 16.30 7.51 24.85
N PHE C 27 15.43 8.51 24.79
CA PHE C 27 15.89 9.86 24.47
C PHE C 27 16.79 10.46 25.56
N LEU C 28 16.43 10.28 26.82
CA LEU C 28 17.29 10.75 27.90
C LEU C 28 18.65 10.07 27.83
N GLY C 29 18.66 8.80 27.47
CA GLY C 29 19.90 8.06 27.30
C GLY C 29 20.80 8.62 26.20
N GLN C 30 20.19 9.28 25.21
CA GLN C 30 20.92 9.96 24.15
C GLN C 30 21.22 11.41 24.48
N GLN C 31 20.96 11.82 25.73
CA GLN C 31 21.20 13.19 26.20
C GLN C 31 20.34 14.23 25.47
N ALA C 32 19.17 13.80 25.00
CA ALA C 32 18.15 14.74 24.55
C ALA C 32 17.38 15.26 25.76
N ASN C 33 16.87 16.48 25.63
CA ASN C 33 15.90 17.02 26.58
C ASN C 33 14.52 16.49 26.22
N VAL C 34 13.77 16.07 27.23
CA VAL C 34 12.47 15.42 26.99
C VAL C 34 11.39 16.14 27.81
N VAL C 35 10.33 16.54 27.10
CA VAL C 35 9.16 17.08 27.76
C VAL C 35 8.04 16.09 27.58
N VAL C 36 7.47 15.63 28.68
CA VAL C 36 6.36 14.68 28.65
C VAL C 36 5.05 15.40 28.87
N ALA C 37 4.16 15.25 27.90
CA ALA C 37 2.81 15.81 28.02
C ALA C 37 1.86 14.62 28.20
N ASP C 38 1.27 14.51 29.38
CA ASP C 38 0.41 13.34 29.65
C ASP C 38 -0.64 13.76 30.68
N ILE C 39 -1.70 12.97 30.77
CA ILE C 39 -2.92 13.43 31.44
C ILE C 39 -2.92 13.26 32.96
N ASP C 40 -2.11 12.33 33.48
CA ASP C 40 -2.18 12.00 34.92
C ASP C 40 -1.04 12.70 35.68
N GLU C 41 -1.39 13.72 36.47
CA GLU C 41 -0.40 14.54 37.17
C GLU C 41 0.44 13.74 38.16
N ALA C 42 -0.21 12.92 38.97
CA ALA C 42 0.53 12.08 39.94
C ALA C 42 1.52 11.15 39.25
N GLN C 43 1.10 10.54 38.16
CA GLN C 43 1.95 9.63 37.41
C GLN C 43 3.16 10.41 36.84
N GLY C 44 2.91 11.59 36.29
CA GLY C 44 3.98 12.39 35.73
C GLY C 44 4.98 12.85 36.78
N GLU C 45 4.48 13.29 37.93
CA GLU C 45 5.34 13.76 39.00
C GLU C 45 6.17 12.60 39.56
N ALA C 46 5.56 11.42 39.69
CA ALA C 46 6.30 10.24 40.13
C ALA C 46 7.41 9.87 39.14
N MET C 47 7.13 9.98 37.85
CA MET C 47 8.15 9.71 36.85
C MET C 47 9.32 10.66 37.01
N VAL C 48 9.02 11.94 37.14
CA VAL C 48 10.08 12.94 37.30
C VAL C 48 10.92 12.70 38.56
N ARG C 49 10.26 12.36 39.65
CA ARG C 49 10.99 12.11 40.90
C ARG C 49 11.93 10.88 40.76
N LYS C 50 11.44 9.84 40.11
CA LYS C 50 12.21 8.62 39.87
C LYS C 50 13.40 8.85 38.94
N GLU C 51 13.17 9.56 37.83
CA GLU C 51 14.22 9.72 36.82
C GLU C 51 15.32 10.64 37.34
N ASN C 52 14.92 11.64 38.15
CA ASN C 52 15.86 12.58 38.77
C ASN C 52 16.86 13.10 37.74
N ASN C 53 16.32 13.64 36.64
CA ASN C 53 17.13 14.03 35.50
C ASN C 53 16.73 15.43 35.07
N ASP C 54 17.68 16.36 35.11
CA ASP C 54 17.38 17.75 34.74
C ASP C 54 17.00 17.93 33.27
N ARG C 55 17.23 16.90 32.45
CA ARG C 55 16.82 16.94 31.05
C ARG C 55 15.37 16.53 30.86
N LEU C 56 14.66 16.19 31.94
CA LEU C 56 13.27 15.77 31.86
C LEU C 56 12.33 16.80 32.50
N HIS C 57 11.23 17.09 31.78
CA HIS C 57 10.21 17.97 32.32
C HIS C 57 8.85 17.34 32.03
N PHE C 58 7.95 17.42 33.01
CA PHE C 58 6.59 16.93 32.84
C PHE C 58 5.62 18.11 32.84
N VAL C 59 4.70 18.09 31.89
CA VAL C 59 3.63 19.07 31.87
C VAL C 59 2.27 18.33 31.71
N GLN C 60 1.43 18.45 32.71
CA GLN C 60 0.12 17.82 32.62
C GLN C 60 -0.65 18.39 31.43
N THR C 61 -1.19 17.50 30.62
CA THR C 61 -1.83 17.90 29.36
C THR C 61 -2.95 16.94 28.99
N ASP C 62 -4.14 17.48 28.77
CA ASP C 62 -5.24 16.77 28.11
C ASP C 62 -5.21 17.20 26.65
N ILE C 63 -4.75 16.30 25.76
CA ILE C 63 -4.53 16.70 24.35
C ILE C 63 -5.80 16.92 23.57
N THR C 64 -6.94 16.61 24.16
CA THR C 64 -8.19 16.93 23.49
C THR C 64 -8.61 18.40 23.71
N ASP C 65 -7.89 19.10 24.57
CA ASP C 65 -8.13 20.52 24.86
C ASP C 65 -7.06 21.36 24.16
N GLU C 66 -7.50 22.23 23.25
CA GLU C 66 -6.52 22.96 22.44
C GLU C 66 -5.59 23.85 23.30
N ALA C 67 -6.17 24.53 24.30
CA ALA C 67 -5.35 25.37 25.18
C ALA C 67 -4.27 24.53 25.88
N ALA C 68 -4.60 23.30 26.28
CA ALA C 68 -3.60 22.43 26.92
C ALA C 68 -2.51 22.04 25.96
N CYS C 69 -2.88 21.74 24.71
CA CYS C 69 -1.87 21.45 23.68
C CYS C 69 -0.91 22.63 23.47
N GLN C 70 -1.48 23.82 23.30
CA GLN C 70 -0.66 25.03 23.16
C GLN C 70 0.29 25.19 24.36
N HIS C 71 -0.24 24.97 25.56
CA HIS C 71 0.55 25.11 26.76
C HIS C 71 1.71 24.09 26.84
N ALA C 72 1.46 22.87 26.36
CA ALA C 72 2.53 21.86 26.32
C ALA C 72 3.66 22.26 25.40
N VAL C 73 3.32 22.76 24.22
CA VAL C 73 4.33 23.20 23.27
C VAL C 73 5.12 24.38 23.84
N GLU C 74 4.40 25.35 24.39
CA GLU C 74 5.04 26.49 25.03
C GLU C 74 5.97 26.09 26.19
N SER C 75 5.55 25.11 26.96
N SER C 75 5.54 25.14 26.99
CA SER C 75 6.38 24.58 28.05
CA SER C 75 6.37 24.67 28.11
C SER C 75 7.71 24.05 27.56
C SER C 75 7.70 24.07 27.58
N ALA C 76 7.68 23.31 26.46
CA ALA C 76 8.94 22.78 25.89
C ALA C 76 9.83 23.92 25.48
N VAL C 77 9.26 24.87 24.76
CA VAL C 77 10.04 26.01 24.26
C VAL C 77 10.62 26.85 25.44
N HIS C 78 9.79 27.12 26.42
CA HIS C 78 10.23 27.94 27.54
C HIS C 78 11.25 27.20 28.41
N THR C 79 11.09 25.90 28.59
CA THR C 79 11.93 25.13 29.48
C THR C 79 13.31 24.85 28.88
N PHE C 80 13.36 24.45 27.62
CA PHE C 80 14.60 23.99 27.02
C PHE C 80 15.08 24.85 25.87
N GLY C 81 14.29 25.86 25.50
CA GLY C 81 14.72 26.87 24.55
C GLY C 81 14.18 26.73 23.14
N GLY C 82 13.59 25.60 22.83
CA GLY C 82 13.08 25.36 21.52
C GLY C 82 12.37 24.04 21.55
N LEU C 83 12.00 23.61 20.37
CA LEU C 83 11.32 22.32 20.19
C LEU C 83 11.76 21.78 18.86
N ASP C 84 12.54 20.69 18.91
CA ASP C 84 13.10 20.11 17.74
C ASP C 84 12.20 18.96 17.18
N VAL C 85 11.63 18.19 18.09
CA VAL C 85 10.88 16.97 17.72
C VAL C 85 9.60 16.87 18.55
N LEU C 86 8.47 16.66 17.88
CA LEU C 86 7.23 16.32 18.54
C LEU C 86 6.95 14.87 18.22
N ILE C 87 6.70 14.09 19.28
CA ILE C 87 6.25 12.69 19.16
C ILE C 87 4.83 12.63 19.66
N ASN C 88 3.91 12.46 18.70
CA ASN C 88 2.50 12.26 19.01
C ASN C 88 2.25 10.79 19.26
N ASN C 89 2.41 10.41 20.53
CA ASN C 89 2.26 9.02 20.91
C ASN C 89 0.98 8.67 21.63
N ALA C 90 0.31 9.64 22.23
CA ALA C 90 -0.91 9.38 22.99
C ALA C 90 -1.95 8.66 22.13
N GLY C 91 -2.62 7.71 22.74
CA GLY C 91 -3.67 6.96 22.08
C GLY C 91 -4.42 6.11 23.09
N ILE C 92 -5.64 5.75 22.72
CA ILE C 92 -6.45 4.86 23.47
C ILE C 92 -7.07 3.82 22.56
N GLU C 93 -7.44 2.69 23.18
CA GLU C 93 -8.14 1.58 22.53
C GLU C 93 -9.45 1.35 23.25
N ILE C 94 -10.56 1.39 22.52
CA ILE C 94 -11.85 0.90 23.05
C ILE C 94 -12.27 -0.24 22.11
N VAL C 95 -12.69 -1.37 22.70
CA VAL C 95 -13.09 -2.57 21.97
C VAL C 95 -14.61 -2.59 21.85
N ALA C 96 -15.11 -2.52 20.63
CA ALA C 96 -16.54 -2.57 20.36
C ALA C 96 -16.76 -2.77 18.88
N PRO C 97 -17.78 -3.55 18.51
CA PRO C 97 -18.14 -3.67 17.08
C PRO C 97 -18.89 -2.45 16.61
N ILE C 98 -18.74 -2.12 15.34
CA ILE C 98 -19.45 -0.95 14.80
C ILE C 98 -20.94 -0.99 15.09
N HIS C 99 -21.60 -2.12 14.92
CA HIS C 99 -23.02 -2.16 15.03
C HIS C 99 -23.55 -1.98 16.46
N GLU C 100 -22.65 -2.03 17.46
CA GLU C 100 -23.00 -1.78 18.85
C GLU C 100 -22.33 -0.58 19.48
N MET C 101 -21.41 0.07 18.78
CA MET C 101 -20.58 1.04 19.45
C MET C 101 -21.36 2.33 19.76
N GLU C 102 -21.19 2.81 20.97
CA GLU C 102 -21.77 4.08 21.40
C GLU C 102 -21.04 5.23 20.67
N LEU C 103 -21.82 6.20 20.20
CA LEU C 103 -21.25 7.40 19.57
C LEU C 103 -20.25 8.06 20.52
N SER C 104 -20.56 8.11 21.82
CA SER C 104 -19.64 8.74 22.76
C SER C 104 -18.29 8.03 22.77
N ASP C 105 -18.29 6.70 22.67
CA ASP C 105 -17.05 5.94 22.66
C ASP C 105 -16.27 6.14 21.35
N TRP C 106 -16.98 6.09 20.22
CA TRP C 106 -16.38 6.41 18.91
C TRP C 106 -15.65 7.78 19.01
N ASN C 107 -16.39 8.78 19.50
CA ASN C 107 -15.84 10.12 19.58
C ASN C 107 -14.60 10.18 20.49
N LYS C 108 -14.62 9.44 21.61
CA LYS C 108 -13.45 9.42 22.52
C LYS C 108 -12.21 8.92 21.79
N VAL C 109 -12.36 7.83 21.04
CA VAL C 109 -11.23 7.25 20.35
C VAL C 109 -10.67 8.24 19.33
N LEU C 110 -11.56 8.82 18.53
N LEU C 110 -11.56 8.81 18.52
CA LEU C 110 -11.09 9.75 17.50
CA LEU C 110 -11.09 9.77 17.50
C LEU C 110 -10.49 11.02 18.14
C LEU C 110 -10.48 11.02 18.14
N GLN C 111 -11.09 11.49 19.23
CA GLN C 111 -10.63 12.71 19.88
CA GLN C 111 -10.62 12.71 19.89
C GLN C 111 -9.20 12.59 20.44
N VAL C 112 -8.92 11.48 21.09
CA VAL C 112 -7.57 11.31 21.63
C VAL C 112 -6.57 10.95 20.52
N ASN C 113 -6.95 10.00 19.67
CA ASN C 113 -5.99 9.40 18.77
C ASN C 113 -5.67 10.25 17.56
N LEU C 114 -6.67 11.03 17.15
CA LEU C 114 -6.56 11.80 15.90
C LEU C 114 -6.70 13.30 16.12
N THR C 115 -7.78 13.74 16.75
CA THR C 115 -7.92 15.18 16.98
C THR C 115 -6.79 15.73 17.87
N GLY C 116 -6.39 14.97 18.88
CA GLY C 116 -5.33 15.44 19.77
C GLY C 116 -4.00 15.55 19.04
N MET C 117 -3.77 14.62 18.11
CA MET C 117 -2.59 14.67 17.26
C MET C 117 -2.63 15.93 16.36
N PHE C 118 -3.79 16.25 15.81
CA PHE C 118 -3.97 17.49 15.03
C PHE C 118 -3.65 18.70 15.90
N LEU C 119 -4.23 18.78 17.09
CA LEU C 119 -4.05 19.98 17.92
C LEU C 119 -2.62 20.16 18.38
N MET C 120 -1.98 19.06 18.79
CA MET C 120 -0.57 19.15 19.19
C MET C 120 0.30 19.58 18.01
N SER C 121 0.03 18.97 16.85
CA SER C 121 0.80 19.27 15.66
C SER C 121 0.61 20.72 15.22
N LYS C 122 -0.64 21.20 15.28
CA LYS C 122 -0.93 22.60 14.92
C LYS C 122 0.00 23.54 15.67
N HIS C 123 0.06 23.39 16.97
CA HIS C 123 0.83 24.30 17.79
C HIS C 123 2.34 24.08 17.68
N ALA C 124 2.75 22.83 17.54
CA ALA C 124 4.16 22.56 17.28
C ALA C 124 4.60 23.15 15.96
N LEU C 125 3.75 23.04 14.95
CA LEU C 125 4.08 23.60 13.64
C LEU C 125 4.26 25.12 13.65
N LYS C 126 3.44 25.82 14.43
CA LYS C 126 3.63 27.28 14.54
C LYS C 126 5.05 27.58 15.00
N HIS C 127 5.53 26.81 15.98
CA HIS C 127 6.88 27.00 16.46
C HIS C 127 7.95 26.60 15.41
N MET C 128 7.72 25.47 14.78
CA MET C 128 8.69 24.93 13.83
C MET C 128 8.82 25.77 12.57
N LEU C 129 7.72 26.37 12.14
CA LEU C 129 7.76 27.31 11.02
C LEU C 129 8.68 28.48 11.38
N ALA C 130 8.52 29.00 12.59
CA ALA C 130 9.34 30.11 13.01
C ALA C 130 10.81 29.69 13.17
N ALA C 131 11.04 28.45 13.62
CA ALA C 131 12.40 27.96 13.80
C ALA C 131 13.10 27.63 12.48
N GLY C 132 12.32 27.46 11.41
CA GLY C 132 12.88 27.12 10.12
C GLY C 132 13.15 25.65 9.90
N LYS C 133 12.73 24.81 10.85
CA LYS C 133 12.95 23.38 10.78
C LYS C 133 12.16 22.68 11.86
N GLY C 134 11.93 21.38 11.69
CA GLY C 134 11.31 20.60 12.72
C GLY C 134 11.14 19.17 12.30
N ASN C 135 10.59 18.40 13.19
CA ASN C 135 10.42 16.93 13.01
C ASN C 135 9.24 16.49 13.83
N ILE C 136 8.27 15.86 13.16
CA ILE C 136 7.10 15.32 13.85
C ILE C 136 7.07 13.83 13.59
N ILE C 137 6.95 13.05 14.67
CA ILE C 137 6.85 11.59 14.61
C ILE C 137 5.55 11.17 15.25
N ASN C 138 4.70 10.50 14.46
CA ASN C 138 3.42 10.08 14.94
C ASN C 138 3.41 8.58 15.19
N THR C 139 2.82 8.17 16.33
CA THR C 139 2.58 6.78 16.56
C THR C 139 1.30 6.36 15.83
N CYS C 140 1.50 5.62 14.75
CA CYS C 140 0.42 5.02 14.01
C CYS C 140 0.21 3.61 14.58
N SER C 141 0.04 2.61 13.73
CA SER C 141 -0.21 1.23 14.15
C SER C 141 -0.22 0.40 12.91
N VAL C 142 0.03 -0.89 13.06
CA VAL C 142 -0.40 -1.85 12.04
C VAL C 142 -1.85 -1.61 11.63
N GLY C 143 -2.69 -1.23 12.59
CA GLY C 143 -4.10 -0.95 12.34
C GLY C 143 -4.39 0.25 11.44
N GLY C 144 -3.38 1.07 11.16
CA GLY C 144 -3.51 2.07 10.11
C GLY C 144 -3.31 1.54 8.70
N LEU C 145 -2.76 0.32 8.59
CA LEU C 145 -2.37 -0.33 7.34
C LEU C 145 -3.32 -1.49 6.98
N VAL C 146 -3.67 -2.32 7.97
CA VAL C 146 -4.62 -3.40 7.83
C VAL C 146 -5.55 -3.31 9.02
N ALA C 147 -6.62 -4.06 9.03
CA ALA C 147 -7.54 -3.96 10.15
C ALA C 147 -7.19 -5.01 11.17
N TRP C 148 -6.88 -4.58 12.40
CA TRP C 148 -6.93 -5.52 13.53
C TRP C 148 -8.39 -5.88 13.79
N PRO C 149 -8.69 -7.17 14.09
CA PRO C 149 -10.07 -7.53 14.37
C PRO C 149 -10.61 -6.83 15.60
N ASP C 150 -11.90 -6.52 15.58
CA ASP C 150 -12.68 -6.12 16.78
C ASP C 150 -12.40 -4.73 17.36
N ILE C 151 -11.55 -3.95 16.69
CA ILE C 151 -11.24 -2.57 17.14
C ILE C 151 -11.40 -1.57 15.97
N PRO C 152 -12.57 -1.53 15.35
CA PRO C 152 -12.73 -0.75 14.14
C PRO C 152 -12.51 0.76 14.33
N ALA C 153 -12.98 1.32 15.43
CA ALA C 153 -12.77 2.76 15.68
C ALA C 153 -11.27 3.05 15.86
N TYR C 154 -10.56 2.19 16.57
CA TYR C 154 -9.12 2.33 16.68
C TYR C 154 -8.44 2.32 15.31
N ASN C 155 -8.79 1.34 14.48
CA ASN C 155 -8.16 1.23 13.17
C ASN C 155 -8.47 2.48 12.33
N ALA C 156 -9.74 2.91 12.37
CA ALA C 156 -10.11 4.12 11.64
C ALA C 156 -9.26 5.28 12.09
N SER C 157 -9.11 5.45 13.40
CA SER C 157 -8.30 6.55 13.92
C SER C 157 -6.88 6.52 13.42
N LYS C 158 -6.33 5.31 13.31
CA LYS C 158 -4.94 5.16 12.91
C LYS C 158 -4.76 5.29 11.39
N GLY C 159 -5.78 4.94 10.61
CA GLY C 159 -5.77 5.37 9.18
C GLY C 159 -5.75 6.90 9.04
N GLY C 160 -6.48 7.56 9.93
CA GLY C 160 -6.41 9.03 9.99
C GLY C 160 -5.03 9.51 10.32
N VAL C 161 -4.38 8.88 11.31
CA VAL C 161 -3.01 9.23 11.66
C VAL C 161 -2.05 9.05 10.50
N LEU C 162 -2.18 7.95 9.75
CA LEU C 162 -1.31 7.69 8.62
C LEU C 162 -1.43 8.83 7.59
N GLN C 163 -2.66 9.17 7.25
CA GLN C 163 -2.84 10.20 6.25
C GLN C 163 -2.54 11.59 6.74
N LEU C 164 -2.78 11.86 8.02
CA LEU C 164 -2.38 13.15 8.59
C LEU C 164 -0.85 13.26 8.52
N THR C 165 -0.15 12.15 8.78
CA THR C 165 1.32 12.12 8.65
C THR C 165 1.77 12.50 7.26
N LYS C 166 1.20 11.82 6.28
CA LYS C 166 1.58 12.09 4.89
C LYS C 166 1.24 13.52 4.47
N SER C 167 0.11 14.01 4.92
CA SER C 167 -0.36 15.33 4.58
C SER C 167 0.56 16.41 5.14
N MET C 168 0.89 16.32 6.43
CA MET C 168 1.81 17.30 7.00
C MET C 168 3.18 17.18 6.35
N ALA C 169 3.62 15.98 5.99
CA ALA C 169 4.89 15.82 5.31
C ALA C 169 4.88 16.60 3.99
N VAL C 170 3.82 16.41 3.19
CA VAL C 170 3.74 17.08 1.91
C VAL C 170 3.64 18.58 2.05
N ASP C 171 2.83 19.03 2.98
CA ASP C 171 2.54 20.46 3.09
C ASP C 171 3.72 21.22 3.72
N TYR C 172 4.54 20.57 4.55
CA TYR C 172 5.58 21.26 5.31
C TYR C 172 7.01 20.92 4.90
N ALA C 173 7.18 20.08 3.90
CA ALA C 173 8.51 19.72 3.42
C ALA C 173 9.30 20.94 2.99
N LYS C 174 8.64 21.89 2.32
CA LYS C 174 9.33 23.07 1.83
C LYS C 174 9.85 23.93 2.98
N HIS C 175 9.30 23.70 4.19
CA HIS C 175 9.69 24.37 5.43
C HIS C 175 10.67 23.55 6.27
N GLN C 176 11.24 22.51 5.68
CA GLN C 176 12.21 21.66 6.37
C GLN C 176 11.65 21.09 7.66
N ILE C 177 10.35 20.76 7.63
CA ILE C 177 9.74 20.06 8.73
C ILE C 177 9.40 18.64 8.23
N ARG C 178 10.17 17.66 8.70
CA ARG C 178 9.95 16.26 8.29
C ARG C 178 8.90 15.64 9.19
N VAL C 179 8.05 14.81 8.60
CA VAL C 179 6.93 14.20 9.33
C VAL C 179 6.86 12.73 8.95
N ASN C 180 7.00 11.83 9.90
CA ASN C 180 6.98 10.40 9.65
C ASN C 180 6.16 9.71 10.73
N CYS C 181 5.86 8.46 10.53
CA CYS C 181 5.19 7.68 11.56
C CYS C 181 5.80 6.32 11.73
N VAL C 182 5.62 5.79 12.94
CA VAL C 182 5.92 4.39 13.23
C VAL C 182 4.61 3.62 13.34
N CYS C 183 4.59 2.41 12.79
CA CYS C 183 3.43 1.55 12.81
C CYS C 183 3.76 0.28 13.62
N PRO C 184 3.59 0.37 14.95
CA PRO C 184 3.88 -0.80 15.77
C PRO C 184 2.86 -1.92 15.58
N GLY C 185 3.36 -3.14 15.71
CA GLY C 185 2.51 -4.33 15.87
C GLY C 185 2.00 -4.47 17.29
N ILE C 186 1.96 -5.70 17.77
CA ILE C 186 1.47 -5.97 19.15
C ILE C 186 2.65 -5.85 20.09
N ILE C 187 2.57 -4.89 21.00
CA ILE C 187 3.65 -4.56 21.91
C ILE C 187 3.27 -4.93 23.34
N ASP C 188 4.21 -5.56 24.03
CA ASP C 188 4.00 -6.05 25.40
C ASP C 188 4.21 -4.89 26.39
N THR C 189 3.13 -4.25 26.80
CA THR C 189 3.15 -3.21 27.84
C THR C 189 2.15 -3.59 28.90
N PRO C 190 2.31 -3.07 30.12
CA PRO C 190 1.30 -3.32 31.13
C PRO C 190 -0.12 -2.93 30.72
N LEU C 191 -0.29 -1.83 30.02
CA LEU C 191 -1.61 -1.46 29.51
C LEU C 191 -2.21 -2.50 28.53
N ASN C 192 -1.37 -3.03 27.64
CA ASN C 192 -1.83 -4.06 26.71
C ASN C 192 -2.13 -5.35 27.44
N GLU C 193 -1.37 -5.68 28.47
CA GLU C 193 -1.64 -6.86 29.26
C GLU C 193 -3.03 -6.77 29.88
N LYS C 194 -3.40 -5.59 30.36
CA LYS C 194 -4.73 -5.36 30.93
C LYS C 194 -5.80 -5.57 29.88
N SER C 195 -5.59 -5.02 28.69
CA SER C 195 -6.53 -5.22 27.58
C SER C 195 -6.63 -6.69 27.18
N PHE C 196 -5.50 -7.38 27.15
CA PHE C 196 -5.47 -8.83 26.82
C PHE C 196 -6.40 -9.57 27.77
N LEU C 197 -6.23 -9.32 29.06
CA LEU C 197 -7.01 -10.03 30.07
C LEU C 197 -8.50 -9.65 30.00
N GLU C 198 -8.78 -8.37 29.79
CA GLU C 198 -10.16 -7.87 29.79
C GLU C 198 -10.96 -8.40 28.61
N ASN C 199 -10.29 -8.66 27.49
CA ASN C 199 -10.97 -8.98 26.24
C ASN C 199 -10.85 -10.43 25.78
N ASN C 200 -10.26 -11.30 26.59
CA ASN C 200 -10.08 -12.71 26.27
C ASN C 200 -10.20 -13.56 27.48
N GLU C 201 -10.69 -14.78 27.30
CA GLU C 201 -10.62 -15.82 28.33
C GLU C 201 -9.19 -16.36 28.39
N GLY C 202 -8.79 -16.75 29.60
CA GLY C 202 -7.49 -17.39 29.80
C GLY C 202 -6.61 -16.60 30.72
N THR C 203 -5.49 -17.20 31.07
CA THR C 203 -4.47 -16.51 31.85
C THR C 203 -3.71 -15.52 30.95
N LEU C 204 -3.02 -14.58 31.59
CA LEU C 204 -2.22 -13.61 30.86
C LEU C 204 -1.24 -14.36 29.96
N GLU C 205 -0.64 -15.41 30.55
CA GLU C 205 0.39 -16.11 29.78
C GLU C 205 -0.16 -16.86 28.57
N GLU C 206 -1.33 -17.47 28.70
CA GLU C 206 -2.02 -18.08 27.58
C GLU C 206 -2.33 -17.07 26.49
N ILE C 207 -2.83 -15.88 26.87
CA ILE C 207 -3.28 -14.90 25.89
C ILE C 207 -2.06 -14.33 25.14
N LYS C 208 -1.00 -14.09 25.94
CA LYS C 208 0.24 -13.60 25.30
C LYS C 208 0.81 -14.57 24.27
N LYS C 209 0.76 -15.88 24.60
CA LYS C 209 1.25 -16.90 23.70
C LYS C 209 0.45 -16.87 22.40
N GLU C 210 -0.87 -16.73 22.52
CA GLU C 210 -1.72 -16.65 21.33
C GLU C 210 -1.42 -15.41 20.48
N LYS C 211 -1.23 -14.27 21.16
CA LYS C 211 -0.94 -13.02 20.42
C LYS C 211 0.43 -13.07 19.74
N ALA C 212 1.39 -13.73 20.36
CA ALA C 212 2.73 -13.83 19.77
C ALA C 212 2.73 -14.58 18.43
N LYS C 213 1.87 -15.58 18.32
CA LYS C 213 1.91 -16.53 17.21
C LYS C 213 1.46 -15.95 15.90
N VAL C 214 0.80 -14.79 15.95
CA VAL C 214 0.26 -14.22 14.71
C VAL C 214 1.31 -13.45 13.92
N ASN C 215 2.52 -13.31 14.48
CA ASN C 215 3.60 -12.58 13.84
C ASN C 215 4.67 -13.53 13.36
N PRO C 216 5.26 -13.33 12.18
CA PRO C 216 6.39 -14.16 11.74
C PRO C 216 7.52 -14.33 12.77
N LEU C 217 7.89 -13.26 13.49
CA LEU C 217 8.95 -13.39 14.52
C LEU C 217 8.52 -14.20 15.73
N LEU C 218 7.22 -14.46 15.89
CA LEU C 218 6.68 -15.39 16.89
C LEU C 218 6.83 -14.82 18.29
N ARG C 219 6.86 -13.49 18.38
CA ARG C 219 6.95 -12.83 19.68
C ARG C 219 6.31 -11.48 19.59
N LEU C 220 5.88 -10.98 20.74
CA LEU C 220 5.44 -9.59 20.87
C LEU C 220 6.65 -8.66 20.86
N GLY C 221 6.41 -7.42 20.46
CA GLY C 221 7.48 -6.43 20.55
C GLY C 221 7.60 -5.94 21.97
N LYS C 222 8.82 -5.52 22.32
CA LYS C 222 9.07 -4.84 23.58
C LYS C 222 8.92 -3.32 23.34
N PRO C 223 8.46 -2.56 24.35
CA PRO C 223 8.31 -1.11 24.13
C PRO C 223 9.59 -0.42 23.68
N GLU C 224 10.73 -0.86 24.20
CA GLU C 224 11.99 -0.28 23.78
C GLU C 224 12.25 -0.43 22.28
N GLU C 225 11.70 -1.48 21.65
CA GLU C 225 11.89 -1.72 20.23
C GLU C 225 11.16 -0.66 19.38
N ILE C 226 10.09 -0.09 19.92
CA ILE C 226 9.39 1.01 19.25
C ILE C 226 10.10 2.31 19.60
N ALA C 227 10.52 2.50 20.85
CA ALA C 227 11.32 3.68 21.19
C ALA C 227 12.56 3.80 20.29
N ASN C 228 13.20 2.68 19.95
CA ASN C 228 14.40 2.69 19.13
C ASN C 228 14.13 3.15 17.70
N VAL C 229 12.93 2.85 17.18
CA VAL C 229 12.51 3.39 15.88
C VAL C 229 12.32 4.89 15.98
N MET C 230 11.73 5.32 17.08
CA MET C 230 11.57 6.74 17.29
C MET C 230 12.92 7.48 17.37
N LEU C 231 13.90 6.88 18.05
CA LEU C 231 15.26 7.44 18.07
C LEU C 231 15.76 7.65 16.64
N PHE C 232 15.64 6.64 15.80
CA PHE C 232 16.08 6.73 14.41
C PHE C 232 15.35 7.89 13.69
N LEU C 233 14.02 7.92 13.79
CA LEU C 233 13.24 8.96 13.10
C LEU C 233 13.54 10.38 13.56
N ALA C 234 13.89 10.52 14.84
CA ALA C 234 14.27 11.82 15.36
C ALA C 234 15.70 12.23 14.97
N SER C 235 16.53 11.23 14.78
CA SER C 235 17.96 11.40 14.56
C SER C 235 18.27 11.93 13.20
N ASP C 236 19.52 12.34 13.04
CA ASP C 236 19.99 12.79 11.75
C ASP C 236 20.00 11.73 10.68
N LEU C 237 19.98 10.46 11.13
CA LEU C 237 20.04 9.34 10.19
C LEU C 237 18.88 9.34 9.22
N SER C 238 17.76 9.90 9.63
CA SER C 238 16.57 9.89 8.79
C SER C 238 16.35 11.15 7.99
N SER C 239 17.42 11.89 7.70
CA SER C 239 17.33 13.21 7.08
C SER C 239 16.65 13.25 5.70
N TYR C 240 16.68 12.17 4.91
CA TYR C 240 15.95 12.19 3.62
C TYR C 240 14.57 11.56 3.69
N MET C 241 14.10 11.27 4.90
CA MET C 241 12.79 10.63 5.08
C MET C 241 11.73 11.62 5.49
N THR C 242 10.68 11.73 4.68
CA THR C 242 9.49 12.42 5.12
C THR C 242 8.29 11.78 4.45
N GLY C 243 7.20 11.75 5.19
CA GLY C 243 5.99 11.11 4.74
C GLY C 243 6.03 9.62 4.74
N SER C 244 6.93 9.03 5.49
N SER C 244 7.00 9.04 5.47
CA SER C 244 6.98 7.61 5.44
CA SER C 244 7.31 7.60 5.57
C SER C 244 6.49 6.98 6.72
C SER C 244 6.56 6.97 6.72
N ALA C 245 6.13 5.73 6.55
CA ALA C 245 5.61 4.89 7.61
C ALA C 245 6.64 3.78 7.83
N ILE C 246 7.14 3.63 9.07
CA ILE C 246 8.09 2.57 9.38
C ILE C 246 7.30 1.52 10.19
N THR C 247 7.17 0.33 9.64
N THR C 247 7.14 0.31 9.63
CA THR C 247 6.47 -0.72 10.33
CA THR C 247 6.44 -0.79 10.34
C THR C 247 7.42 -1.46 11.26
C THR C 247 7.42 -1.48 11.25
N ALA C 248 6.98 -1.71 12.49
CA ALA C 248 7.79 -2.45 13.47
C ALA C 248 6.83 -3.44 14.15
N ASP C 249 6.69 -4.57 13.45
CA ASP C 249 5.59 -5.48 13.73
C ASP C 249 5.96 -6.94 13.67
N GLY C 250 7.24 -7.26 13.73
CA GLY C 250 7.64 -8.66 13.72
C GLY C 250 7.24 -9.37 12.44
N GLY C 251 6.98 -8.61 11.36
CA GLY C 251 6.57 -9.19 10.09
C GLY C 251 5.08 -9.29 9.86
N TYR C 252 4.26 -8.81 10.79
CA TYR C 252 2.81 -9.03 10.70
C TYR C 252 2.22 -8.60 9.36
N THR C 253 2.58 -7.40 8.89
CA THR C 253 2.02 -6.84 7.66
C THR C 253 2.69 -7.36 6.39
N ALA C 254 3.74 -8.15 6.49
CA ALA C 254 4.40 -8.74 5.34
C ALA C 254 3.71 -10.01 4.86
N GLN C 255 2.74 -10.51 5.62
CA GLN C 255 1.98 -11.70 5.23
C GLN C 255 0.44 -11.39 5.08
N MET D 1 28.00 -0.25 21.45
CA MET D 1 27.00 0.85 21.34
C MET D 1 25.59 0.35 21.05
N ILE D 2 24.60 1.26 21.02
CA ILE D 2 23.20 0.85 20.82
C ILE D 2 22.96 0.17 19.46
N MET D 3 23.72 0.58 18.47
CA MET D 3 23.61 -0.08 17.17
C MET D 3 24.26 -1.45 17.13
N ASN D 4 25.38 -1.60 17.84
CA ASN D 4 25.99 -2.90 18.04
C ASN D 4 26.46 -3.55 16.75
N LEU D 5 27.11 -2.77 15.90
CA LEU D 5 27.64 -3.29 14.64
C LEU D 5 29.14 -3.67 14.69
N THR D 6 29.83 -3.30 15.77
CA THR D 6 31.27 -3.58 15.85
C THR D 6 31.54 -5.09 15.69
N ASP D 7 32.47 -5.42 14.80
CA ASP D 7 32.88 -6.81 14.51
C ASP D 7 31.83 -7.68 13.82
N LYS D 8 30.72 -7.09 13.40
CA LYS D 8 29.77 -7.76 12.53
C LYS D 8 30.37 -7.74 11.14
N THR D 9 30.11 -8.78 10.36
CA THR D 9 30.61 -8.86 8.99
C THR D 9 29.45 -8.61 8.02
N VAL D 10 29.65 -7.65 7.13
CA VAL D 10 28.63 -7.15 6.22
C VAL D 10 29.13 -7.29 4.79
N LEU D 11 28.36 -8.01 3.97
CA LEU D 11 28.69 -8.21 2.56
C LEU D 11 27.77 -7.31 1.75
N ILE D 12 28.36 -6.43 0.94
CA ILE D 12 27.61 -5.40 0.18
C ILE D 12 27.86 -5.60 -1.30
N THR D 13 26.79 -5.95 -2.03
CA THR D 13 26.91 -6.05 -3.48
C THR D 13 26.77 -4.65 -4.08
N GLY D 14 27.49 -4.41 -5.18
CA GLY D 14 27.49 -3.07 -5.78
C GLY D 14 28.12 -2.05 -4.84
N GLY D 15 29.06 -2.50 -4.01
CA GLY D 15 29.62 -1.66 -2.97
C GLY D 15 30.73 -0.72 -3.39
N ALA D 16 31.19 -0.78 -4.64
CA ALA D 16 32.38 -0.01 -5.03
C ALA D 16 32.05 1.38 -5.57
N SER D 17 30.79 1.77 -5.60
CA SER D 17 30.40 3.09 -6.03
C SER D 17 29.05 3.46 -5.48
N GLY D 18 28.74 4.75 -5.53
CA GLY D 18 27.39 5.23 -5.25
C GLY D 18 26.92 4.95 -3.83
N ILE D 19 25.64 4.57 -3.74
CA ILE D 19 25.05 4.21 -2.45
C ILE D 19 25.83 3.08 -1.79
N GLY D 20 26.23 2.11 -2.60
CA GLY D 20 26.98 0.97 -2.07
C GLY D 20 28.23 1.42 -1.35
N TYR D 21 28.96 2.34 -1.97
CA TYR D 21 30.21 2.82 -1.37
C TYR D 21 29.94 3.69 -0.15
N ALA D 22 28.88 4.49 -0.17
CA ALA D 22 28.50 5.22 1.06
C ALA D 22 28.19 4.24 2.20
N ALA D 23 27.58 3.13 1.86
CA ALA D 23 27.31 2.09 2.85
C ALA D 23 28.61 1.48 3.37
N VAL D 24 29.56 1.22 2.47
CA VAL D 24 30.89 0.76 2.89
C VAL D 24 31.46 1.69 3.93
N GLN D 25 31.47 2.98 3.61
CA GLN D 25 32.03 3.95 4.56
C GLN D 25 31.29 3.93 5.89
N ALA D 26 29.96 3.87 5.83
CA ALA D 26 29.15 3.94 7.06
C ALA D 26 29.41 2.74 7.95
N PHE D 27 29.44 1.56 7.34
CA PHE D 27 29.70 0.34 8.11
C PHE D 27 31.11 0.24 8.65
N LEU D 28 32.08 0.64 7.85
CA LEU D 28 33.47 0.73 8.37
C LEU D 28 33.56 1.68 9.56
N GLY D 29 32.84 2.78 9.47
CA GLY D 29 32.79 3.76 10.56
C GLY D 29 32.21 3.20 11.86
N GLN D 30 31.39 2.16 11.75
CA GLN D 30 30.84 1.45 12.91
C GLN D 30 31.68 0.25 13.33
N GLN D 31 32.87 0.14 12.75
CA GLN D 31 33.81 -0.92 13.04
C GLN D 31 33.27 -2.30 12.66
N ALA D 32 32.40 -2.33 11.65
CA ALA D 32 32.00 -3.59 11.03
C ALA D 32 33.06 -3.96 9.99
N ASN D 33 33.22 -5.26 9.77
CA ASN D 33 33.99 -5.75 8.65
C ASN D 33 33.10 -5.71 7.41
N VAL D 34 33.66 -5.26 6.28
CA VAL D 34 32.90 -5.10 5.06
C VAL D 34 33.56 -5.89 3.94
N VAL D 35 32.76 -6.71 3.28
CA VAL D 35 33.17 -7.38 2.06
C VAL D 35 32.35 -6.78 0.91
N VAL D 36 33.05 -6.23 -0.08
CA VAL D 36 32.39 -5.68 -1.27
C VAL D 36 32.47 -6.69 -2.39
N ALA D 37 31.30 -7.01 -2.95
CA ALA D 37 31.18 -7.87 -4.11
C ALA D 37 30.70 -6.98 -5.25
N ASP D 38 31.55 -6.76 -6.24
CA ASP D 38 31.20 -5.88 -7.34
C ASP D 38 31.95 -6.31 -8.58
N ILE D 39 31.47 -5.86 -9.72
CA ILE D 39 31.88 -6.46 -11.00
C ILE D 39 33.15 -5.90 -11.61
N ASP D 40 33.52 -4.66 -11.26
CA ASP D 40 34.68 -4.00 -11.89
C ASP D 40 35.89 -4.09 -10.97
N GLU D 41 36.86 -4.91 -11.36
CA GLU D 41 38.05 -5.20 -10.52
C GLU D 41 38.87 -3.93 -10.26
N ALA D 42 39.14 -3.15 -11.30
CA ALA D 42 39.94 -1.92 -11.13
C ALA D 42 39.24 -0.94 -10.17
N GLN D 43 37.93 -0.81 -10.33
CA GLN D 43 37.15 0.05 -9.45
C GLN D 43 37.20 -0.44 -7.98
N GLY D 44 37.05 -1.74 -7.78
CA GLY D 44 37.14 -2.31 -6.43
C GLY D 44 38.52 -2.10 -5.81
N GLU D 45 39.55 -2.32 -6.60
CA GLU D 45 40.93 -2.16 -6.10
C GLU D 45 41.21 -0.69 -5.77
N ALA D 46 40.70 0.21 -6.58
CA ALA D 46 40.83 1.64 -6.26
C ALA D 46 40.12 2.02 -4.96
N MET D 47 38.94 1.44 -4.73
CA MET D 47 38.22 1.65 -3.46
C MET D 47 39.07 1.16 -2.30
N VAL D 48 39.65 -0.04 -2.43
CA VAL D 48 40.46 -0.60 -1.34
C VAL D 48 41.67 0.28 -1.07
N ARG D 49 42.32 0.77 -2.11
CA ARG D 49 43.49 1.64 -1.91
C ARG D 49 43.12 2.91 -1.17
N LYS D 50 41.99 3.50 -1.56
CA LYS D 50 41.50 4.75 -0.97
C LYS D 50 41.10 4.59 0.49
N GLU D 51 40.35 3.52 0.80
CA GLU D 51 39.87 3.32 2.17
C GLU D 51 41.00 2.90 3.12
N ASN D 52 41.94 2.10 2.59
CA ASN D 52 43.13 1.71 3.32
C ASN D 52 42.82 1.18 4.73
N ASN D 53 41.94 0.19 4.77
CA ASN D 53 41.33 -0.26 6.01
C ASN D 53 41.31 -1.78 6.06
N ASP D 54 41.92 -2.35 7.10
CA ASP D 54 41.98 -3.81 7.22
C ASP D 54 40.63 -4.49 7.42
N ARG D 55 39.63 -3.71 7.77
CA ARG D 55 38.26 -4.24 7.90
C ARG D 55 37.53 -4.31 6.55
N LEU D 56 38.17 -3.91 5.44
CA LEU D 56 37.57 -3.94 4.10
C LEU D 56 38.22 -4.98 3.21
N HIS D 57 37.39 -5.74 2.52
CA HIS D 57 37.87 -6.71 1.55
C HIS D 57 37.01 -6.59 0.28
N PHE D 58 37.67 -6.63 -0.87
CA PHE D 58 36.96 -6.62 -2.16
C PHE D 58 37.09 -7.99 -2.80
N VAL D 59 35.97 -8.49 -3.31
CA VAL D 59 35.95 -9.73 -4.12
C VAL D 59 35.20 -9.49 -5.43
N GLN D 60 35.90 -9.56 -6.54
CA GLN D 60 35.25 -9.35 -7.82
C GLN D 60 34.16 -10.39 -8.00
N THR D 61 32.96 -9.95 -8.36
CA THR D 61 31.80 -10.80 -8.38
C THR D 61 30.83 -10.34 -9.44
N ASP D 62 30.47 -11.25 -10.34
CA ASP D 62 29.34 -11.09 -11.23
C ASP D 62 28.17 -11.80 -10.58
N ILE D 63 27.25 -11.06 -9.98
CA ILE D 63 26.17 -11.66 -9.21
C ILE D 63 25.13 -12.41 -10.06
N THR D 64 25.22 -12.31 -11.36
CA THR D 64 24.36 -13.10 -12.22
C THR D 64 24.85 -14.53 -12.39
N ASP D 65 26.05 -14.82 -11.88
CA ASP D 65 26.68 -16.13 -11.93
C ASP D 65 26.63 -16.76 -10.54
N GLU D 66 25.97 -17.92 -10.44
CA GLU D 66 25.76 -18.50 -9.12
C GLU D 66 27.07 -18.85 -8.42
N ALA D 67 28.02 -19.43 -9.16
CA ALA D 67 29.31 -19.78 -8.58
C ALA D 67 30.00 -18.53 -8.00
N ALA D 68 29.87 -17.40 -8.69
CA ALA D 68 30.51 -16.16 -8.19
C ALA D 68 29.81 -15.68 -6.91
N CYS D 69 28.50 -15.83 -6.84
CA CYS D 69 27.75 -15.48 -5.62
C CYS D 69 28.20 -16.35 -4.45
N GLN D 70 28.28 -17.65 -4.67
CA GLN D 70 28.75 -18.55 -3.65
C GLN D 70 30.16 -18.16 -3.19
N HIS D 71 31.01 -17.84 -4.15
CA HIS D 71 32.40 -17.47 -3.85
C HIS D 71 32.48 -16.17 -3.03
N ALA D 72 31.59 -15.23 -3.30
CA ALA D 72 31.55 -13.99 -2.51
C ALA D 72 31.18 -14.26 -1.05
N VAL D 73 30.16 -15.10 -0.83
CA VAL D 73 29.76 -15.46 0.52
C VAL D 73 30.92 -16.17 1.25
N GLU D 74 31.54 -17.13 0.57
CA GLU D 74 32.66 -17.86 1.12
C GLU D 74 33.82 -16.94 1.47
N SER D 75 34.06 -15.95 0.62
CA SER D 75 35.15 -14.98 0.86
C SER D 75 34.89 -14.22 2.16
N ALA D 76 33.64 -13.83 2.42
CA ALA D 76 33.32 -13.15 3.68
C ALA D 76 33.61 -14.05 4.87
N VAL D 77 33.13 -15.29 4.80
CA VAL D 77 33.29 -16.24 5.91
C VAL D 77 34.79 -16.55 6.14
N HIS D 78 35.53 -16.78 5.06
CA HIS D 78 36.95 -17.07 5.17
C HIS D 78 37.78 -15.88 5.64
N THR D 79 37.45 -14.68 5.17
CA THR D 79 38.26 -13.48 5.47
C THR D 79 38.02 -12.97 6.89
N PHE D 80 36.77 -12.92 7.32
CA PHE D 80 36.43 -12.32 8.60
C PHE D 80 35.81 -13.27 9.62
N GLY D 81 35.53 -14.51 9.22
CA GLY D 81 35.10 -15.53 10.16
C GLY D 81 33.62 -15.86 10.17
N GLY D 82 32.82 -15.06 9.49
CA GLY D 82 31.38 -15.27 9.46
C GLY D 82 30.75 -14.26 8.54
N LEU D 83 29.42 -14.22 8.57
CA LEU D 83 28.63 -13.31 7.76
C LEU D 83 27.36 -13.00 8.53
N ASP D 84 27.23 -11.77 8.99
CA ASP D 84 26.08 -11.34 9.78
C ASP D 84 25.00 -10.63 8.96
N VAL D 85 25.43 -9.86 7.97
CA VAL D 85 24.52 -9.02 7.18
C VAL D 85 24.88 -9.13 5.70
N LEU D 86 23.87 -9.36 4.87
CA LEU D 86 23.99 -9.24 3.40
C LEU D 86 23.20 -8.04 2.98
N ILE D 87 23.86 -7.15 2.25
CA ILE D 87 23.19 -6.01 1.63
C ILE D 87 23.23 -6.18 0.11
N ASN D 88 22.06 -6.52 -0.43
CA ASN D 88 21.88 -6.66 -1.88
C ASN D 88 21.58 -5.31 -2.46
N ASN D 89 22.64 -4.60 -2.82
CA ASN D 89 22.50 -3.27 -3.34
C ASN D 89 22.70 -3.14 -4.85
N ALA D 90 23.36 -4.11 -5.49
CA ALA D 90 23.60 -4.03 -6.92
C ALA D 90 22.32 -3.82 -7.72
N GLY D 91 22.42 -2.98 -8.73
CA GLY D 91 21.33 -2.75 -9.64
C GLY D 91 21.78 -1.94 -10.83
N ILE D 92 21.03 -2.10 -11.91
CA ILE D 92 21.23 -1.32 -13.12
C ILE D 92 19.91 -0.75 -13.64
N GLU D 93 20.04 0.32 -14.42
CA GLU D 93 18.91 0.99 -15.05
C GLU D 93 19.14 1.01 -16.56
N ILE D 94 18.19 0.50 -17.33
CA ILE D 94 18.18 0.68 -18.78
C ILE D 94 16.85 1.36 -19.10
N VAL D 95 16.93 2.42 -19.92
CA VAL D 95 15.76 3.23 -20.25
C VAL D 95 15.23 2.78 -21.62
N ALA D 96 14.01 2.24 -21.62
CA ALA D 96 13.37 1.81 -22.86
C ALA D 96 11.90 1.59 -22.59
N PRO D 97 11.04 1.93 -23.57
CA PRO D 97 9.63 1.62 -23.39
C PRO D 97 9.35 0.14 -23.65
N ILE D 98 8.31 -0.41 -23.04
CA ILE D 98 8.00 -1.84 -23.22
C ILE D 98 7.85 -2.19 -24.71
N HIS D 99 7.17 -1.37 -25.47
CA HIS D 99 6.87 -1.74 -26.85
C HIS D 99 8.10 -1.75 -27.74
N GLU D 100 9.22 -1.20 -27.28
CA GLU D 100 10.47 -1.21 -28.04
C GLU D 100 11.59 -2.00 -27.40
N MET D 101 11.41 -2.46 -26.17
CA MET D 101 12.55 -2.95 -25.45
C MET D 101 13.03 -4.30 -26.00
N GLU D 102 14.34 -4.43 -26.15
CA GLU D 102 14.95 -5.68 -26.53
C GLU D 102 14.86 -6.68 -25.38
N LEU D 103 14.51 -7.92 -25.69
CA LEU D 103 14.51 -8.97 -24.67
C LEU D 103 15.85 -9.05 -23.96
N SER D 104 16.96 -8.92 -24.72
CA SER D 104 18.27 -8.99 -24.08
C SER D 104 18.45 -7.92 -23.01
N ASP D 105 17.88 -6.74 -23.24
CA ASP D 105 17.97 -5.66 -22.26
C ASP D 105 17.05 -5.89 -21.06
N TRP D 106 15.83 -6.34 -21.33
CA TRP D 106 14.93 -6.77 -20.25
C TRP D 106 15.65 -7.77 -19.34
N ASN D 107 16.24 -8.80 -19.96
CA ASN D 107 16.90 -9.83 -19.20
C ASN D 107 18.07 -9.30 -18.38
N LYS D 108 18.86 -8.38 -18.95
CA LYS D 108 20.00 -7.78 -18.21
C LYS D 108 19.50 -7.11 -16.94
N VAL D 109 18.43 -6.32 -17.05
CA VAL D 109 17.90 -5.61 -15.88
C VAL D 109 17.43 -6.62 -14.83
N LEU D 110 16.65 -7.58 -15.24
CA LEU D 110 16.09 -8.54 -14.30
C LEU D 110 17.20 -9.42 -13.68
N GLN D 111 18.18 -9.80 -14.49
CA GLN D 111 19.26 -10.65 -14.01
C GLN D 111 20.09 -9.99 -12.93
N VAL D 112 20.45 -8.74 -13.14
CA VAL D 112 21.25 -8.06 -12.14
C VAL D 112 20.37 -7.74 -10.93
N ASN D 113 19.22 -7.14 -11.18
CA ASN D 113 18.48 -6.49 -10.11
C ASN D 113 17.72 -7.47 -9.24
N LEU D 114 17.34 -8.58 -9.82
CA LEU D 114 16.48 -9.54 -9.12
C LEU D 114 17.10 -10.93 -9.06
N THR D 115 17.51 -11.52 -10.17
CA THR D 115 18.12 -12.86 -10.08
C THR D 115 19.37 -12.82 -9.21
N GLY D 116 20.20 -11.80 -9.36
CA GLY D 116 21.45 -11.73 -8.57
C GLY D 116 21.14 -11.61 -7.10
N MET D 117 20.07 -10.88 -6.77
CA MET D 117 19.61 -10.80 -5.39
C MET D 117 19.17 -12.16 -4.85
N PHE D 118 18.45 -12.91 -5.66
CA PHE D 118 18.10 -14.28 -5.30
C PHE D 118 19.35 -15.15 -5.05
N LEU D 119 20.29 -15.13 -5.98
CA LEU D 119 21.44 -16.02 -5.88
C LEU D 119 22.34 -15.66 -4.70
N MET D 120 22.58 -14.36 -4.48
CA MET D 120 23.36 -13.95 -3.32
C MET D 120 22.64 -14.35 -2.04
N SER D 121 21.32 -14.10 -2.00
CA SER D 121 20.57 -14.43 -0.79
C SER D 121 20.59 -15.93 -0.53
N LYS D 122 20.45 -16.73 -1.59
CA LYS D 122 20.44 -18.17 -1.43
C LYS D 122 21.68 -18.64 -0.68
N HIS D 123 22.84 -18.16 -1.12
CA HIS D 123 24.09 -18.64 -0.52
C HIS D 123 24.36 -18.02 0.83
N ALA D 124 23.95 -16.75 1.01
CA ALA D 124 24.02 -16.16 2.34
C ALA D 124 23.14 -16.89 3.35
N LEU D 125 21.94 -17.24 2.90
CA LEU D 125 21.00 -17.93 3.79
C LEU D 125 21.51 -19.30 4.23
N LYS D 126 22.19 -20.01 3.35
CA LYS D 126 22.74 -21.29 3.73
C LYS D 126 23.66 -21.09 4.94
N HIS D 127 24.49 -20.05 4.89
CA HIS D 127 25.37 -19.76 6.00
C HIS D 127 24.60 -19.31 7.26
N MET D 128 23.66 -18.41 7.07
CA MET D 128 22.91 -17.85 8.20
C MET D 128 22.05 -18.86 8.91
N LEU D 129 21.54 -19.83 8.19
CA LEU D 129 20.78 -20.92 8.79
C LEU D 129 21.69 -21.71 9.73
N ALA D 130 22.89 -22.01 9.25
CA ALA D 130 23.85 -22.73 10.06
C ALA D 130 24.35 -21.91 11.28
N ALA D 131 24.48 -20.59 11.08
CA ALA D 131 24.91 -19.70 12.14
C ALA D 131 23.81 -19.47 13.18
N GLY D 132 22.55 -19.71 12.82
CA GLY D 132 21.42 -19.51 13.72
C GLY D 132 20.82 -18.10 13.72
N LYS D 133 21.32 -17.21 12.88
CA LYS D 133 20.81 -15.83 12.82
C LYS D 133 21.38 -15.13 11.59
N GLY D 134 20.77 -14.01 11.21
CA GLY D 134 21.28 -13.23 10.12
C GLY D 134 20.38 -12.04 9.85
N ASN D 135 20.77 -11.29 8.83
CA ASN D 135 20.09 -10.06 8.43
C ASN D 135 20.36 -9.85 6.95
N ILE D 136 19.30 -9.61 6.19
CA ILE D 136 19.42 -9.29 4.77
C ILE D 136 18.71 -7.96 4.53
N ILE D 137 19.42 -7.03 3.89
CA ILE D 137 18.89 -5.73 3.53
C ILE D 137 18.97 -5.61 2.02
N ASN D 138 17.83 -5.33 1.39
CA ASN D 138 17.79 -5.18 -0.04
C ASN D 138 17.57 -3.71 -0.42
N THR D 139 18.28 -3.28 -1.46
CA THR D 139 17.99 -2.00 -2.05
C THR D 139 16.86 -2.14 -3.05
N CYS D 140 15.71 -1.60 -2.67
CA CYS D 140 14.54 -1.53 -3.50
C CYS D 140 14.60 -0.17 -4.21
N SER D 141 13.49 0.55 -4.28
CA SER D 141 13.41 1.82 -4.95
C SER D 141 12.00 2.35 -4.74
N VAL D 142 11.84 3.67 -4.87
CA VAL D 142 10.51 4.21 -5.11
C VAL D 142 9.80 3.47 -6.27
N GLY D 143 10.56 3.07 -7.27
CA GLY D 143 10.04 2.34 -8.41
C GLY D 143 9.47 0.96 -8.07
N GLY D 144 9.74 0.43 -6.86
CA GLY D 144 9.05 -0.74 -6.41
C GLY D 144 7.68 -0.51 -5.85
N LEU D 145 7.36 0.77 -5.59
CA LEU D 145 6.13 1.21 -4.95
C LEU D 145 5.18 1.91 -5.93
N VAL D 146 5.74 2.79 -6.74
CA VAL D 146 5.00 3.47 -7.78
C VAL D 146 5.86 3.38 -9.04
N ALA D 147 5.32 3.77 -10.18
CA ALA D 147 6.10 3.68 -11.41
C ALA D 147 6.83 4.98 -11.70
N TRP D 148 8.15 4.93 -11.72
CA TRP D 148 8.91 6.00 -12.36
C TRP D 148 8.63 5.95 -13.87
N PRO D 149 8.43 7.10 -14.53
CA PRO D 149 8.17 7.09 -15.97
C PRO D 149 9.38 6.54 -16.74
N ASP D 150 9.10 5.83 -17.82
CA ASP D 150 10.08 5.48 -18.86
C ASP D 150 11.10 4.38 -18.51
N ILE D 151 10.98 3.78 -17.31
CA ILE D 151 11.90 2.71 -16.92
C ILE D 151 11.09 1.49 -16.40
N PRO D 152 10.22 0.96 -17.25
CA PRO D 152 9.31 -0.09 -16.80
C PRO D 152 10.02 -1.37 -16.35
N ALA D 153 11.07 -1.80 -17.06
CA ALA D 153 11.80 -3.00 -16.62
C ALA D 153 12.42 -2.79 -15.22
N TYR D 154 13.01 -1.62 -15.02
CA TYR D 154 13.56 -1.30 -13.73
C TYR D 154 12.50 -1.38 -12.65
N ASN D 155 11.35 -0.72 -12.90
CA ASN D 155 10.30 -0.74 -11.88
C ASN D 155 9.84 -2.18 -11.60
N ALA D 156 9.63 -2.94 -12.66
CA ALA D 156 9.25 -4.35 -12.50
C ALA D 156 10.25 -5.10 -11.62
N SER D 157 11.53 -4.90 -11.93
CA SER D 157 12.54 -5.59 -11.12
C SER D 157 12.48 -5.22 -9.65
N LYS D 158 12.16 -3.96 -9.36
CA LYS D 158 12.12 -3.47 -8.01
C LYS D 158 10.85 -3.91 -7.29
N GLY D 159 9.75 -4.07 -8.02
CA GLY D 159 8.58 -4.74 -7.41
C GLY D 159 8.95 -6.16 -7.01
N GLY D 160 9.74 -6.82 -7.86
CA GLY D 160 10.24 -8.15 -7.51
C GLY D 160 11.07 -8.11 -6.23
N VAL D 161 11.97 -7.13 -6.14
CA VAL D 161 12.78 -6.97 -4.93
C VAL D 161 11.91 -6.80 -3.70
N LEU D 162 10.89 -5.96 -3.79
CA LEU D 162 10.02 -5.71 -2.66
C LEU D 162 9.40 -7.02 -2.17
N GLN D 163 8.84 -7.79 -3.10
CA GLN D 163 8.19 -9.01 -2.72
C GLN D 163 9.17 -10.11 -2.31
N LEU D 164 10.36 -10.14 -2.90
CA LEU D 164 11.38 -11.08 -2.43
C LEU D 164 11.77 -10.79 -1.00
N THR D 165 11.87 -9.50 -0.69
CA THR D 165 12.17 -9.07 0.68
C THR D 165 11.11 -9.58 1.65
N LYS D 166 9.86 -9.33 1.32
CA LYS D 166 8.80 -9.78 2.21
C LYS D 166 8.76 -11.30 2.36
N SER D 167 9.00 -11.98 1.25
CA SER D 167 8.98 -13.42 1.25
C SER D 167 10.06 -14.02 2.11
N MET D 168 11.28 -13.54 1.96
CA MET D 168 12.36 -14.07 2.80
C MET D 168 12.11 -13.71 4.26
N ALA D 169 11.52 -12.54 4.51
CA ALA D 169 11.21 -12.18 5.89
C ALA D 169 10.25 -13.20 6.50
N VAL D 170 9.18 -13.51 5.77
CA VAL D 170 8.15 -14.42 6.28
C VAL D 170 8.73 -15.81 6.44
N ASP D 171 9.53 -16.27 5.49
CA ASP D 171 10.00 -17.64 5.49
C ASP D 171 11.11 -17.85 6.50
N TYR D 172 11.91 -16.85 6.80
CA TYR D 172 13.10 -17.03 7.65
C TYR D 172 13.02 -16.38 9.02
N ALA D 173 11.88 -15.75 9.33
CA ALA D 173 11.70 -15.15 10.67
C ALA D 173 11.88 -16.18 11.78
N LYS D 174 11.40 -17.37 11.57
CA LYS D 174 11.56 -18.43 12.60
C LYS D 174 13.01 -18.85 12.84
N HIS D 175 13.87 -18.52 11.90
CA HIS D 175 15.30 -18.77 11.96
C HIS D 175 16.11 -17.53 12.38
N GLN D 176 15.42 -16.53 12.91
CA GLN D 176 16.08 -15.32 13.42
C GLN D 176 16.88 -14.60 12.33
N ILE D 177 16.38 -14.66 11.10
CA ILE D 177 16.98 -13.91 10.01
C ILE D 177 16.00 -12.81 9.61
N ARG D 178 16.32 -11.56 9.95
CA ARG D 178 15.48 -10.42 9.60
C ARG D 178 15.78 -9.99 8.16
N VAL D 179 14.74 -9.58 7.43
CA VAL D 179 14.93 -9.20 6.05
C VAL D 179 14.09 -7.96 5.80
N ASN D 180 14.74 -6.89 5.36
CA ASN D 180 14.07 -5.60 5.13
C ASN D 180 14.62 -4.95 3.87
N CYS D 181 13.93 -3.91 3.39
CA CYS D 181 14.45 -3.15 2.27
C CYS D 181 14.36 -1.66 2.51
N VAL D 182 15.23 -0.97 1.78
CA VAL D 182 15.14 0.48 1.67
C VAL D 182 14.68 0.85 0.24
N CYS D 183 13.80 1.85 0.18
CA CYS D 183 13.24 2.34 -1.09
C CYS D 183 13.73 3.78 -1.33
N PRO D 184 14.91 3.92 -1.94
CA PRO D 184 15.39 5.27 -2.18
C PRO D 184 14.61 5.97 -3.28
N GLY D 185 14.49 7.28 -3.13
CA GLY D 185 14.08 8.18 -4.21
C GLY D 185 15.22 8.47 -5.14
N ILE D 186 15.28 9.72 -5.58
CA ILE D 186 16.29 10.13 -6.55
C ILE D 186 17.53 10.56 -5.77
N ILE D 187 18.63 9.83 -5.99
CA ILE D 187 19.87 10.01 -5.25
C ILE D 187 20.98 10.56 -6.18
N ASP D 188 21.69 11.56 -5.67
CA ASP D 188 22.71 12.22 -6.45
C ASP D 188 24.03 11.42 -6.36
N THR D 189 24.29 10.65 -7.41
CA THR D 189 25.53 9.85 -7.55
C THR D 189 26.09 10.17 -8.94
N PRO D 190 27.41 9.99 -9.13
CA PRO D 190 27.95 10.13 -10.48
C PRO D 190 27.25 9.28 -11.54
N LEU D 191 26.88 8.06 -11.21
CA LEU D 191 26.17 7.22 -12.16
C LEU D 191 24.78 7.80 -12.56
N ASN D 192 24.06 8.35 -11.58
CA ASN D 192 22.78 8.99 -11.88
C ASN D 192 22.98 10.25 -12.70
N GLU D 193 24.06 10.98 -12.44
CA GLU D 193 24.34 12.17 -13.21
C GLU D 193 24.50 11.82 -14.71
N LYS D 194 25.16 10.69 -14.98
CA LYS D 194 25.28 10.22 -16.37
C LYS D 194 23.90 9.91 -16.98
N SER D 195 23.05 9.24 -16.22
CA SER D 195 21.69 8.98 -16.70
C SER D 195 20.88 10.26 -16.91
N PHE D 196 21.03 11.20 -15.99
CA PHE D 196 20.35 12.50 -16.14
C PHE D 196 20.69 13.13 -17.49
N LEU D 197 21.97 13.17 -17.79
CA LEU D 197 22.41 13.83 -19.02
C LEU D 197 21.96 13.07 -20.26
N GLU D 198 22.02 11.73 -20.18
CA GLU D 198 21.65 10.87 -21.32
C GLU D 198 20.17 10.99 -21.70
N ASN D 199 19.33 11.25 -20.71
CA ASN D 199 17.89 11.12 -20.89
C ASN D 199 17.08 12.41 -20.78
N ASN D 200 17.76 13.54 -20.70
CA ASN D 200 17.10 14.85 -20.59
C ASN D 200 17.89 15.91 -21.33
N GLU D 201 17.18 16.91 -21.86
CA GLU D 201 17.83 18.09 -22.42
C GLU D 201 18.30 19.00 -21.29
N GLY D 202 19.36 19.73 -21.58
CA GLY D 202 19.91 20.70 -20.64
C GLY D 202 21.27 20.34 -20.09
N THR D 203 21.83 21.28 -19.34
CA THR D 203 23.07 21.02 -18.61
C THR D 203 22.80 20.13 -17.42
N LEU D 204 23.87 19.55 -16.89
CA LEU D 204 23.73 18.73 -15.69
C LEU D 204 23.01 19.49 -14.57
N GLU D 205 23.48 20.73 -14.38
CA GLU D 205 22.93 21.51 -13.27
C GLU D 205 21.45 21.82 -13.48
N GLU D 206 21.06 22.12 -14.70
CA GLU D 206 19.64 22.36 -15.01
C GLU D 206 18.83 21.11 -14.73
N ILE D 207 19.34 19.94 -15.15
CA ILE D 207 18.58 18.71 -15.01
C ILE D 207 18.46 18.34 -13.54
N LYS D 208 19.57 18.53 -12.80
CA LYS D 208 19.47 18.25 -11.35
C LYS D 208 18.42 19.11 -10.67
N LYS D 209 18.34 20.38 -11.08
CA LYS D 209 17.32 21.30 -10.56
C LYS D 209 15.90 20.79 -10.86
N GLU D 210 15.68 20.32 -12.07
CA GLU D 210 14.39 19.74 -12.42
C GLU D 210 14.05 18.49 -11.62
N LYS D 211 15.03 17.61 -11.43
CA LYS D 211 14.81 16.37 -10.69
C LYS D 211 14.54 16.66 -9.21
N ALA D 212 15.20 17.71 -8.68
CA ALA D 212 15.01 18.04 -7.26
C ALA D 212 13.58 18.46 -6.97
N LYS D 213 12.94 19.13 -7.93
CA LYS D 213 11.63 19.75 -7.73
C LYS D 213 10.48 18.78 -7.62
N VAL D 214 10.68 17.54 -8.03
CA VAL D 214 9.58 16.58 -7.99
C VAL D 214 9.37 15.98 -6.59
N ASN D 215 10.26 16.31 -5.66
CA ASN D 215 10.20 15.82 -4.30
C ASN D 215 9.74 16.91 -3.39
N PRO D 216 8.86 16.61 -2.45
CA PRO D 216 8.48 17.62 -1.46
C PRO D 216 9.65 18.34 -0.76
N LEU D 217 10.73 17.63 -0.43
CA LEU D 217 11.90 18.25 0.23
C LEU D 217 12.67 19.17 -0.70
N LEU D 218 12.38 19.11 -2.02
CA LEU D 218 12.95 20.01 -3.02
C LEU D 218 14.47 19.87 -3.21
N ARG D 219 14.98 18.69 -2.91
CA ARG D 219 16.37 18.37 -3.17
C ARG D 219 16.49 16.87 -3.47
N LEU D 220 17.58 16.52 -4.13
CA LEU D 220 17.94 15.11 -4.29
C LEU D 220 18.53 14.58 -2.99
N GLY D 221 18.46 13.26 -2.83
CA GLY D 221 19.11 12.62 -1.69
C GLY D 221 20.60 12.45 -1.92
N LYS D 222 21.34 12.35 -0.83
CA LYS D 222 22.75 12.01 -0.87
C LYS D 222 22.92 10.52 -0.59
N PRO D 223 23.94 9.90 -1.16
CA PRO D 223 24.09 8.45 -0.95
C PRO D 223 24.25 8.10 0.54
N GLU D 224 24.90 8.95 1.34
CA GLU D 224 25.01 8.69 2.76
C GLU D 224 23.67 8.61 3.47
N GLU D 225 22.66 9.28 2.93
CA GLU D 225 21.36 9.28 3.56
C GLU D 225 20.65 7.94 3.37
N ILE D 226 21.01 7.20 2.33
CA ILE D 226 20.57 5.82 2.17
C ILE D 226 21.43 4.85 2.98
N ALA D 227 22.75 5.05 3.00
CA ALA D 227 23.62 4.27 3.84
C ALA D 227 23.18 4.30 5.31
N ASN D 228 22.70 5.45 5.76
CA ASN D 228 22.29 5.61 7.15
C ASN D 228 21.04 4.80 7.49
N VAL D 229 20.15 4.64 6.50
CA VAL D 229 19.01 3.75 6.66
C VAL D 229 19.49 2.31 6.75
N MET D 230 20.47 1.95 5.94
CA MET D 230 21.03 0.60 5.98
C MET D 230 21.66 0.30 7.34
N LEU D 231 22.39 1.28 7.91
CA LEU D 231 22.94 1.11 9.26
C LEU D 231 21.83 0.75 10.25
N PHE D 232 20.73 1.51 10.18
CA PHE D 232 19.61 1.29 11.07
C PHE D 232 19.05 -0.13 10.91
N LEU D 233 18.81 -0.54 9.67
CA LEU D 233 18.28 -1.88 9.40
C LEU D 233 19.19 -3.02 9.81
N ALA D 234 20.49 -2.83 9.73
CA ALA D 234 21.47 -3.83 10.15
C ALA D 234 21.61 -3.90 11.68
N SER D 235 21.39 -2.76 12.31
CA SER D 235 21.61 -2.59 13.72
C SER D 235 20.52 -3.18 14.58
N ASP D 236 20.82 -3.29 15.87
CA ASP D 236 19.86 -3.77 16.81
C ASP D 236 18.72 -2.81 17.06
N LEU D 237 18.86 -1.55 16.63
CA LEU D 237 17.73 -0.60 16.76
C LEU D 237 16.49 -1.08 16.05
N SER D 238 16.66 -1.86 14.98
CA SER D 238 15.54 -2.35 14.19
C SER D 238 15.15 -3.77 14.54
N SER D 239 15.42 -4.22 15.77
CA SER D 239 15.23 -5.61 16.14
C SER D 239 13.80 -6.17 15.97
N TYR D 240 12.76 -5.33 16.04
CA TYR D 240 11.39 -5.84 15.82
C TYR D 240 10.89 -5.62 14.39
N MET D 241 11.79 -5.27 13.50
CA MET D 241 11.43 -5.02 12.10
C MET D 241 11.89 -6.16 11.20
N THR D 242 10.91 -6.75 10.53
CA THR D 242 11.21 -7.66 9.42
C THR D 242 10.08 -7.57 8.43
N GLY D 243 10.44 -7.75 7.17
CA GLY D 243 9.51 -7.61 6.06
C GLY D 243 9.07 -6.19 5.79
N SER D 244 9.82 -5.22 6.23
N SER D 244 9.85 -5.22 6.31
CA SER D 244 9.35 -3.91 5.98
CA SER D 244 9.56 -3.78 6.22
C SER D 244 10.18 -3.17 4.96
C SER D 244 10.21 -3.17 4.98
N ALA D 245 9.55 -2.15 4.42
CA ALA D 245 10.14 -1.28 3.43
C ALA D 245 10.25 0.10 4.07
N ILE D 246 11.46 0.65 4.05
CA ILE D 246 11.69 2.01 4.56
C ILE D 246 11.90 2.93 3.34
N THR D 247 10.95 3.84 3.09
N THR D 247 11.03 3.88 3.17
CA THR D 247 11.09 4.86 2.01
CA THR D 247 11.16 4.80 2.07
C THR D 247 12.01 5.96 2.48
C THR D 247 11.98 6.00 2.48
N ALA D 248 12.95 6.35 1.62
CA ALA D 248 13.86 7.49 1.88
C ALA D 248 13.92 8.23 0.56
N ASP D 249 12.93 9.10 0.39
CA ASP D 249 12.60 9.69 -0.92
C ASP D 249 12.21 11.15 -0.89
N GLY D 250 12.53 11.84 0.19
CA GLY D 250 12.20 13.25 0.26
C GLY D 250 10.72 13.55 0.13
N GLY D 251 9.89 12.56 0.43
CA GLY D 251 8.44 12.71 0.35
C GLY D 251 7.77 12.31 -0.96
N TYR D 252 8.55 11.83 -1.92
CA TYR D 252 8.01 11.57 -3.27
C TYR D 252 6.74 10.72 -3.24
N THR D 253 6.78 9.60 -2.51
CA THR D 253 5.67 8.65 -2.50
C THR D 253 4.51 9.03 -1.57
N ALA D 254 4.68 10.09 -0.78
CA ALA D 254 3.61 10.58 0.06
C ALA D 254 2.55 11.40 -0.69
N GLN D 255 2.84 11.77 -1.94
CA GLN D 255 1.94 12.54 -2.80
C GLN D 255 1.50 11.72 -4.08
#